data_3TZB
#
_entry.id   3TZB
#
_cell.length_a   50.620
_cell.length_b   62.101
_cell.length_c   78.506
_cell.angle_alpha   92.950
_cell.angle_beta   90.100
_cell.angle_gamma   110.450
#
_symmetry.space_group_name_H-M   'P 1'
#
loop_
_entity.id
_entity.type
_entity.pdbx_description
1 polymer 'Ribosyldihydronicotinamide dehydrogenase [quinone]'
2 non-polymer 'ZINC ION'
3 non-polymer 'FLAVIN-ADENINE DINUCLEOTIDE'
4 non-polymer 9-AMINOACRIDINE
5 water water
#
_entity_poly.entity_id   1
_entity_poly.type   'polypeptide(L)'
_entity_poly.pdbx_seq_one_letter_code
;AMGKKVLIVYAHQEPKSFNGSLKNVAVDELSRQGCTVTVSDLYAMNFEPRATDKDITGTLSNPEVFNYGVETHEAYKQRS
LASDITDEQKKVREADLVIFQFPLYWFSVPAILKGWMDRVLCQGFAFDIPGFYDSGLLQGKLALLSVTTGGTAEMYTKTG
VNGDSRYFLWPLQHGTLHFCGFKVLAPQISFAPEIASEEERKGMVAAWSQRLQTIWKEEPIPCTAHWHFG
;
_entity_poly.pdbx_strand_id   A,B,C,D
#
# COMPACT_ATOMS: atom_id res chain seq x y z
N ALA A 1 -37.19 -28.12 36.38
CA ALA A 1 -36.33 -28.56 35.29
C ALA A 1 -36.50 -27.67 34.04
N MET A 2 -37.72 -27.25 33.72
CA MET A 2 -37.92 -26.25 32.67
C MET A 2 -37.06 -25.06 33.08
N GLY A 3 -36.13 -24.65 32.21
CA GLY A 3 -35.13 -23.66 32.58
C GLY A 3 -33.86 -24.26 33.17
N LYS A 4 -32.78 -24.19 32.39
CA LYS A 4 -31.39 -24.50 32.77
C LYS A 4 -30.57 -23.63 31.79
N LYS A 5 -29.41 -23.13 32.19
CA LYS A 5 -29.01 -21.82 31.66
C LYS A 5 -27.83 -21.67 30.70
N VAL A 6 -28.09 -20.97 29.60
CA VAL A 6 -27.08 -20.62 28.62
C VAL A 6 -26.95 -19.11 28.49
N LEU A 7 -25.70 -18.63 28.49
CA LEU A 7 -25.41 -17.24 28.19
C LEU A 7 -24.68 -17.16 26.86
N ILE A 8 -25.24 -16.42 25.91
CA ILE A 8 -24.58 -16.18 24.64
C ILE A 8 -23.97 -14.79 24.62
N VAL A 9 -22.63 -14.72 24.62
CA VAL A 9 -21.93 -13.44 24.49
C VAL A 9 -21.67 -13.15 23.01
N TYR A 10 -22.49 -12.24 22.48
CA TYR A 10 -22.61 -11.97 21.06
C TYR A 10 -21.91 -10.67 20.65
N ALA A 11 -21.05 -10.76 19.64
CA ALA A 11 -20.23 -9.61 19.23
C ALA A 11 -20.33 -9.34 17.74
N HIS A 12 -21.47 -8.85 17.29
CA HIS A 12 -21.62 -8.46 15.89
C HIS A 12 -22.56 -7.30 15.80
N GLN A 13 -22.21 -6.35 14.92
CA GLN A 13 -23.00 -5.12 14.71
C GLN A 13 -24.36 -5.34 14.03
N GLU A 14 -24.50 -6.42 13.25
CA GLU A 14 -25.63 -6.53 12.33
C GLU A 14 -26.50 -7.76 12.59
N PRO A 15 -27.79 -7.54 12.89
CA PRO A 15 -28.77 -8.58 13.18
C PRO A 15 -28.93 -9.60 12.05
N LYS A 16 -28.88 -9.15 10.80
CA LYS A 16 -29.09 -10.03 9.66
C LYS A 16 -27.80 -10.67 9.17
N SER A 17 -26.74 -10.51 9.96
CA SER A 17 -25.45 -11.10 9.62
C SER A 17 -25.48 -12.60 9.83
N PHE A 18 -24.45 -13.26 9.31
CA PHE A 18 -24.30 -14.68 9.52
C PHE A 18 -24.14 -15.01 11.00
N ASN A 19 -23.32 -14.24 11.70
CA ASN A 19 -23.22 -14.33 13.16
C ASN A 19 -24.58 -14.15 13.84
N GLY A 20 -25.34 -13.15 13.40
CA GLY A 20 -26.69 -12.97 13.87
C GLY A 20 -27.52 -14.25 13.69
N SER A 21 -27.38 -14.88 12.53
CA SER A 21 -28.15 -16.10 12.26
C SER A 21 -27.73 -17.24 13.17
N LEU A 22 -26.44 -17.36 13.43
CA LEU A 22 -25.95 -18.42 14.30
C LEU A 22 -26.47 -18.19 15.73
N LYS A 23 -26.56 -16.93 16.13
CA LYS A 23 -27.03 -16.60 17.45
C LYS A 23 -28.50 -16.96 17.62
N ASN A 24 -29.32 -16.64 16.62
CA ASN A 24 -30.75 -16.97 16.66
C ASN A 24 -31.06 -18.46 16.60
N VAL A 25 -30.26 -19.20 15.81
CA VAL A 25 -30.42 -20.65 15.77
C VAL A 25 -30.10 -21.26 17.13
N ALA A 26 -29.11 -20.71 17.83
CA ALA A 26 -28.77 -21.24 19.16
C ALA A 26 -29.88 -20.94 20.17
N VAL A 27 -30.38 -19.71 20.16
CA VAL A 27 -31.47 -19.31 21.04
C VAL A 27 -32.69 -20.18 20.80
N ASP A 28 -32.98 -20.45 19.52
CA ASP A 28 -34.18 -21.18 19.15
C ASP A 28 -34.06 -22.66 19.55
N GLU A 29 -32.93 -23.26 19.19
CA GLU A 29 -32.71 -24.67 19.50
C GLU A 29 -32.64 -24.93 21.00
N LEU A 30 -31.85 -24.15 21.73
CA LEU A 30 -31.68 -24.35 23.17
C LEU A 30 -32.98 -24.06 23.94
N SER A 31 -33.79 -23.16 23.41
CA SER A 31 -35.08 -22.84 23.99
C SER A 31 -36.06 -23.99 23.72
N ARG A 32 -36.01 -24.54 22.51
CA ARG A 32 -36.78 -25.72 22.15
C ARG A 32 -36.51 -26.89 23.10
N GLN A 33 -35.29 -26.97 23.62
CA GLN A 33 -34.91 -28.03 24.53
C GLN A 33 -35.37 -27.72 25.95
N GLY A 34 -35.87 -26.50 26.18
CA GLY A 34 -36.30 -26.12 27.50
C GLY A 34 -35.26 -25.40 28.35
N CYS A 35 -34.22 -24.86 27.71
CA CYS A 35 -33.19 -24.09 28.43
C CYS A 35 -33.59 -22.64 28.52
N THR A 36 -33.08 -21.97 29.55
CA THR A 36 -33.07 -20.52 29.62
C THR A 36 -31.89 -20.00 28.79
N VAL A 37 -32.17 -19.10 27.86
CA VAL A 37 -31.10 -18.49 27.11
C VAL A 37 -31.04 -16.98 27.35
N THR A 38 -29.91 -16.49 27.86
CA THR A 38 -29.68 -15.05 27.99
C THR A 38 -28.66 -14.59 26.96
N VAL A 39 -28.91 -13.45 26.31
CA VAL A 39 -27.97 -12.93 25.32
C VAL A 39 -27.40 -11.55 25.71
N SER A 40 -26.07 -11.47 25.83
CA SER A 40 -25.36 -10.18 25.91
C SER A 40 -24.93 -9.76 24.52
N ASP A 41 -25.74 -8.90 23.93
CA ASP A 41 -25.54 -8.36 22.60
C ASP A 41 -24.70 -7.12 22.81
N LEU A 42 -23.38 -7.30 22.75
CA LEU A 42 -22.47 -6.27 23.26
C LEU A 42 -22.61 -4.96 22.54
N TYR A 43 -22.72 -5.00 21.21
CA TYR A 43 -22.80 -3.75 20.46
C TYR A 43 -24.10 -2.97 20.74
N ALA A 44 -25.22 -3.69 20.90
CA ALA A 44 -26.50 -3.06 21.24
C ALA A 44 -26.48 -2.51 22.66
N MET A 45 -25.69 -3.14 23.54
CA MET A 45 -25.55 -2.70 24.91
C MET A 45 -24.61 -1.51 24.94
N ASN A 46 -23.93 -1.28 23.81
CA ASN A 46 -22.83 -0.30 23.78
C ASN A 46 -21.80 -0.60 24.87
N PHE A 47 -21.55 -1.89 25.07
CA PHE A 47 -20.62 -2.36 26.10
C PHE A 47 -19.25 -1.68 26.07
N GLU A 48 -18.80 -1.28 27.26
CA GLU A 48 -17.54 -0.59 27.47
C GLU A 48 -16.37 -1.57 27.44
N PRO A 49 -15.50 -1.46 26.43
CA PRO A 49 -14.33 -2.33 26.26
C PRO A 49 -13.09 -1.91 27.06
N ARG A 50 -13.00 -0.65 27.46
CA ARG A 50 -11.79 -0.13 28.08
C ARG A 50 -11.68 -0.43 29.58
N ALA A 51 -10.52 -0.97 29.97
CA ALA A 51 -10.22 -1.21 31.37
C ALA A 51 -9.75 0.08 32.01
N THR A 52 -10.63 0.76 32.75
CA THR A 52 -10.26 2.02 33.40
C THR A 52 -10.79 2.13 34.83
N ASP A 53 -10.39 3.20 35.51
CA ASP A 53 -10.69 3.36 36.94
C ASP A 53 -12.18 3.61 37.19
N LYS A 54 -12.90 3.91 36.13
CA LYS A 54 -14.36 4.04 36.21
C LYS A 54 -15.05 2.69 36.47
N ASP A 55 -14.28 1.60 36.44
CA ASP A 55 -14.85 0.28 36.69
C ASP A 55 -14.97 0.00 38.18
N ILE A 56 -14.44 0.89 39.01
CA ILE A 56 -14.56 0.75 40.45
C ILE A 56 -15.29 1.96 40.99
N THR A 57 -16.25 1.74 41.88
CA THR A 57 -17.11 2.81 42.35
C THR A 57 -16.82 3.26 43.79
N GLY A 58 -15.83 2.65 44.43
CA GLY A 58 -15.50 3.07 45.78
C GLY A 58 -14.35 4.06 45.78
N THR A 59 -13.78 4.29 46.95
CA THR A 59 -12.51 4.98 47.06
C THR A 59 -11.42 4.00 46.66
N LEU A 60 -10.58 4.37 45.70
CA LEU A 60 -9.45 3.54 45.31
C LEU A 60 -8.55 3.25 46.51
N SER A 61 -7.98 2.04 46.55
CA SER A 61 -7.06 1.70 47.62
C SER A 61 -5.80 2.54 47.48
N ASN A 62 -5.24 2.57 46.27
CA ASN A 62 -4.09 3.42 45.97
C ASN A 62 -4.43 4.41 44.86
N PRO A 63 -4.94 5.59 45.24
CA PRO A 63 -5.39 6.65 44.33
C PRO A 63 -4.24 7.26 43.54
N GLU A 64 -3.06 7.31 44.14
CA GLU A 64 -1.91 7.96 43.54
C GLU A 64 -1.28 7.15 42.41
N VAL A 65 -1.46 5.83 42.46
CA VAL A 65 -0.95 4.97 41.41
C VAL A 65 -1.97 3.88 41.06
N PHE A 66 -2.66 4.07 39.94
CA PHE A 66 -3.70 3.16 39.52
C PHE A 66 -3.21 1.83 38.91
N ASN A 67 -3.53 0.74 39.58
CA ASN A 67 -3.23 -0.60 39.11
C ASN A 67 -4.55 -1.32 38.83
N TYR A 68 -4.88 -1.55 37.55
CA TYR A 68 -6.17 -2.12 37.20
C TYR A 68 -6.44 -3.49 37.85
N GLY A 69 -5.47 -4.39 37.74
CA GLY A 69 -5.62 -5.71 38.32
C GLY A 69 -5.89 -5.68 39.82
N VAL A 70 -5.08 -4.90 40.54
CA VAL A 70 -5.20 -4.80 41.99
C VAL A 70 -6.52 -4.15 42.37
N GLU A 71 -6.86 -3.07 41.68
CA GLU A 71 -8.05 -2.31 42.07
C GLU A 71 -9.33 -3.09 41.82
N THR A 72 -9.39 -3.82 40.70
CA THR A 72 -10.60 -4.58 40.39
C THR A 72 -10.72 -5.75 41.35
N HIS A 73 -9.59 -6.38 41.65
CA HIS A 73 -9.63 -7.46 42.61
C HIS A 73 -10.26 -7.00 43.92
N GLU A 74 -9.80 -5.85 44.44
CA GLU A 74 -10.27 -5.37 45.73
C GLU A 74 -11.74 -4.95 45.58
N ALA A 75 -12.06 -4.31 44.46
CA ALA A 75 -13.44 -3.91 44.20
C ALA A 75 -14.34 -5.13 44.20
N TYR A 76 -13.91 -6.20 43.53
CA TYR A 76 -14.72 -7.41 43.49
C TYR A 76 -15.11 -7.82 44.91
N LYS A 77 -14.13 -7.79 45.81
CA LYS A 77 -14.34 -8.15 47.21
C LYS A 77 -15.27 -7.18 47.95
N GLN A 78 -15.07 -5.87 47.78
CA GLN A 78 -15.97 -4.87 48.37
C GLN A 78 -17.34 -4.87 47.69
N ARG A 79 -17.53 -5.75 46.71
CA ARG A 79 -18.74 -5.70 45.87
C ARG A 79 -19.00 -4.30 45.31
N SER A 80 -17.94 -3.63 44.88
CA SER A 80 -18.07 -2.28 44.36
C SER A 80 -17.55 -2.10 42.94
N LEU A 81 -17.66 -3.12 42.10
CA LEU A 81 -17.34 -2.97 40.68
C LEU A 81 -18.48 -2.23 39.99
N ALA A 82 -18.22 -1.66 38.82
CA ALA A 82 -19.28 -0.98 38.09
C ALA A 82 -20.45 -1.93 37.83
N SER A 83 -21.64 -1.39 37.71
CA SER A 83 -22.84 -2.20 37.55
C SER A 83 -22.83 -3.00 36.25
N ASP A 84 -22.33 -2.40 35.16
CA ASP A 84 -22.19 -3.12 33.90
C ASP A 84 -21.35 -4.39 34.07
N ILE A 85 -20.20 -4.26 34.73
CA ILE A 85 -19.36 -5.41 35.06
C ILE A 85 -20.14 -6.37 35.97
N THR A 86 -20.75 -5.83 37.02
CA THR A 86 -21.44 -6.68 38.00
C THR A 86 -22.64 -7.40 37.36
N ASP A 87 -23.34 -6.73 36.46
CA ASP A 87 -24.43 -7.36 35.71
C ASP A 87 -23.97 -8.53 34.84
N GLU A 88 -22.86 -8.37 34.12
CA GLU A 88 -22.29 -9.50 33.37
C GLU A 88 -21.91 -10.67 34.26
N GLN A 89 -21.26 -10.39 35.38
CA GLN A 89 -20.86 -11.46 36.30
C GLN A 89 -22.09 -12.23 36.83
N LYS A 90 -23.16 -11.51 37.08
CA LYS A 90 -24.39 -12.18 37.49
C LYS A 90 -24.81 -13.17 36.41
N LYS A 91 -24.73 -12.76 35.15
CA LYS A 91 -25.13 -13.65 34.05
C LYS A 91 -24.20 -14.84 33.92
N VAL A 92 -22.91 -14.61 34.16
CA VAL A 92 -21.95 -15.70 34.09
C VAL A 92 -22.14 -16.65 35.25
N ARG A 93 -22.38 -16.08 36.42
CA ARG A 93 -22.55 -16.89 37.61
C ARG A 93 -23.73 -17.88 37.46
N GLU A 94 -24.82 -17.43 36.86
CA GLU A 94 -26.01 -18.27 36.75
C GLU A 94 -25.95 -19.28 35.58
N ALA A 95 -25.06 -19.07 34.63
CA ALA A 95 -25.04 -19.92 33.44
C ALA A 95 -24.33 -21.27 33.64
N ASP A 96 -24.79 -22.29 32.91
CA ASP A 96 -24.15 -23.61 32.88
C ASP A 96 -23.29 -23.72 31.62
N LEU A 97 -23.60 -22.91 30.62
CA LEU A 97 -22.89 -22.94 29.35
C LEU A 97 -22.81 -21.51 28.86
N VAL A 98 -21.60 -21.12 28.47
CA VAL A 98 -21.38 -19.83 27.87
C VAL A 98 -20.87 -19.95 26.45
N ILE A 99 -21.66 -19.47 25.50
CA ILE A 99 -21.25 -19.47 24.11
C ILE A 99 -20.76 -18.10 23.73
N PHE A 100 -19.57 -18.02 23.12
CA PHE A 100 -19.12 -16.77 22.55
C PHE A 100 -19.28 -16.83 21.03
N GLN A 101 -20.12 -15.95 20.50
CA GLN A 101 -20.43 -15.90 19.08
C GLN A 101 -19.87 -14.63 18.49
N PHE A 102 -18.90 -14.77 17.59
CA PHE A 102 -18.23 -13.59 17.09
C PHE A 102 -17.50 -13.87 15.80
N PRO A 103 -17.31 -12.82 14.99
CA PRO A 103 -16.42 -12.96 13.84
C PRO A 103 -14.95 -12.81 14.27
N LEU A 104 -14.08 -13.61 13.68
CA LEU A 104 -12.66 -13.48 13.90
C LEU A 104 -12.15 -12.13 13.39
N TYR A 105 -11.53 -11.38 14.29
CA TYR A 105 -10.85 -10.13 13.95
C TYR A 105 -9.38 -10.32 14.30
N TRP A 106 -8.51 -10.18 13.30
CA TRP A 106 -7.08 -10.31 13.54
C TRP A 106 -6.75 -11.52 14.37
N PHE A 107 -7.22 -12.68 13.92
CA PHE A 107 -6.91 -13.95 14.54
C PHE A 107 -7.33 -13.98 16.02
N SER A 108 -8.35 -13.21 16.35
CA SER A 108 -8.77 -13.11 17.73
C SER A 108 -10.22 -12.65 17.78
N VAL A 109 -10.63 -12.15 18.95
CA VAL A 109 -11.96 -11.63 19.15
C VAL A 109 -12.00 -10.14 18.81
N PRO A 110 -13.15 -9.66 18.34
CA PRO A 110 -13.35 -8.22 18.24
C PRO A 110 -13.08 -7.52 19.59
N ALA A 111 -12.55 -6.32 19.52
CA ALA A 111 -12.19 -5.56 20.71
C ALA A 111 -13.31 -5.46 21.75
N ILE A 112 -14.54 -5.27 21.30
CA ILE A 112 -15.63 -5.11 22.25
C ILE A 112 -15.74 -6.34 23.15
N LEU A 113 -15.50 -7.51 22.58
CA LEU A 113 -15.58 -8.76 23.33
C LEU A 113 -14.29 -8.98 24.13
N LYS A 114 -13.16 -8.58 23.56
CA LYS A 114 -11.91 -8.59 24.32
C LYS A 114 -12.09 -7.76 25.61
N GLY A 115 -12.77 -6.63 25.49
CA GLY A 115 -13.06 -5.79 26.64
C GLY A 115 -13.92 -6.51 27.66
N TRP A 116 -14.88 -7.31 27.19
CA TRP A 116 -15.72 -8.13 28.06
C TRP A 116 -14.87 -9.11 28.87
N MET A 117 -13.92 -9.76 28.22
CA MET A 117 -13.00 -10.67 28.91
C MET A 117 -12.13 -9.92 29.90
N ASP A 118 -11.54 -8.82 29.45
CA ASP A 118 -10.70 -7.98 30.29
C ASP A 118 -11.40 -7.53 31.58
N ARG A 119 -12.66 -7.13 31.46
CA ARG A 119 -13.33 -6.39 32.53
C ARG A 119 -14.18 -7.29 33.43
N VAL A 120 -14.82 -8.27 32.81
CA VAL A 120 -15.73 -9.18 33.50
C VAL A 120 -15.03 -10.32 34.22
N LEU A 121 -13.96 -10.86 33.64
CA LEU A 121 -13.26 -11.99 34.26
C LEU A 121 -12.16 -11.51 35.19
N CYS A 122 -12.52 -10.83 36.27
CA CYS A 122 -11.52 -10.24 37.16
C CYS A 122 -11.04 -11.22 38.24
N GLN A 123 -9.97 -10.86 38.93
CA GLN A 123 -9.46 -11.74 39.98
C GLN A 123 -10.48 -11.78 41.11
N GLY A 124 -10.65 -12.96 41.70
CA GLY A 124 -11.62 -13.16 42.75
C GLY A 124 -12.94 -13.64 42.16
N PHE A 125 -13.22 -13.24 40.91
CA PHE A 125 -14.44 -13.72 40.27
C PHE A 125 -14.20 -14.96 39.40
N ALA A 126 -13.29 -14.86 38.45
CA ALA A 126 -13.06 -15.95 37.53
C ALA A 126 -11.84 -16.79 37.90
N PHE A 127 -10.92 -16.23 38.67
CA PHE A 127 -9.75 -16.98 39.07
C PHE A 127 -9.20 -16.34 40.32
N ASP A 128 -8.24 -16.99 40.95
CA ASP A 128 -7.52 -16.41 42.06
C ASP A 128 -6.17 -17.09 42.21
N ILE A 129 -5.45 -16.73 43.27
CA ILE A 129 -4.16 -17.36 43.53
C ILE A 129 -4.12 -17.85 44.98
N PRO A 130 -4.34 -19.16 45.17
CA PRO A 130 -4.51 -20.16 44.11
C PRO A 130 -5.92 -20.15 43.52
N GLY A 131 -6.15 -21.01 42.52
CA GLY A 131 -7.45 -21.08 41.86
C GLY A 131 -7.41 -20.64 40.41
N PHE A 132 -6.61 -21.31 39.60
CA PHE A 132 -6.62 -21.08 38.16
C PHE A 132 -6.32 -22.36 37.40
N TYR A 133 -6.43 -22.30 36.08
CA TYR A 133 -6.49 -23.51 35.26
C TYR A 133 -7.48 -24.51 35.85
N ASP A 134 -7.03 -25.73 36.16
CA ASP A 134 -7.94 -26.76 36.67
C ASP A 134 -8.71 -26.25 37.87
N SER A 135 -8.07 -25.41 38.68
CA SER A 135 -8.75 -24.85 39.84
C SER A 135 -9.30 -23.45 39.59
N GLY A 136 -9.51 -23.09 38.33
CA GLY A 136 -10.13 -21.83 37.98
C GLY A 136 -11.47 -21.69 38.70
N LEU A 137 -11.93 -20.46 38.93
CA LEU A 137 -13.12 -20.29 39.76
C LEU A 137 -14.42 -20.60 39.04
N LEU A 138 -14.38 -20.64 37.71
CA LEU A 138 -15.59 -20.93 36.96
C LEU A 138 -15.70 -22.41 36.64
N GLN A 139 -15.01 -23.23 37.41
CA GLN A 139 -15.08 -24.69 37.25
C GLN A 139 -16.53 -25.15 37.34
N GLY A 140 -16.88 -26.16 36.55
CA GLY A 140 -18.23 -26.67 36.52
C GLY A 140 -19.09 -25.98 35.47
N LYS A 141 -18.46 -25.09 34.70
CA LYS A 141 -19.17 -24.39 33.64
C LYS A 141 -18.60 -24.80 32.29
N LEU A 142 -19.47 -24.88 31.30
CA LEU A 142 -19.06 -25.15 29.93
C LEU A 142 -18.87 -23.87 29.15
N ALA A 143 -17.90 -23.87 28.25
CA ALA A 143 -17.66 -22.71 27.40
C ALA A 143 -17.41 -23.16 25.96
N LEU A 144 -17.92 -22.40 25.00
CA LEU A 144 -17.80 -22.75 23.60
C LEU A 144 -17.60 -21.52 22.71
N LEU A 145 -16.54 -21.53 21.90
CA LEU A 145 -16.37 -20.45 20.94
C LEU A 145 -17.10 -20.80 19.64
N SER A 146 -17.95 -19.91 19.17
CA SER A 146 -18.57 -20.09 17.86
C SER A 146 -18.10 -18.93 17.00
N VAL A 147 -17.17 -19.21 16.09
CA VAL A 147 -16.41 -18.21 15.40
C VAL A 147 -16.69 -18.30 13.92
N THR A 148 -16.84 -17.14 13.27
CA THR A 148 -16.90 -17.08 11.82
C THR A 148 -15.57 -16.49 11.35
N THR A 149 -15.13 -16.86 10.14
CA THR A 149 -13.87 -16.35 9.60
C THR A 149 -14.00 -15.80 8.19
N GLY A 150 -13.04 -14.97 7.80
CA GLY A 150 -12.89 -14.57 6.42
C GLY A 150 -12.18 -15.67 5.63
N GLY A 151 -11.19 -16.30 6.25
CA GLY A 151 -10.40 -17.33 5.59
C GLY A 151 -11.13 -18.65 5.35
N THR A 152 -10.70 -19.37 4.31
CA THR A 152 -11.26 -20.69 4.03
C THR A 152 -10.63 -21.73 4.95
N ALA A 153 -11.29 -22.87 5.07
CA ALA A 153 -10.76 -23.94 5.89
C ALA A 153 -9.35 -24.30 5.46
N GLU A 154 -9.12 -24.45 4.15
CA GLU A 154 -7.79 -24.82 3.68
C GLU A 154 -6.73 -23.82 4.07
N MET A 155 -7.14 -22.56 4.22
CA MET A 155 -6.18 -21.50 4.54
C MET A 155 -5.70 -21.61 5.97
N TYR A 156 -6.42 -22.40 6.76
CA TYR A 156 -6.12 -22.50 8.19
C TYR A 156 -5.54 -23.85 8.59
N THR A 157 -4.67 -24.38 7.74
CA THR A 157 -3.98 -25.63 8.06
C THR A 157 -2.49 -25.36 8.15
N LYS A 158 -1.74 -26.43 8.41
CA LYS A 158 -0.30 -26.33 8.60
C LYS A 158 0.36 -25.75 7.35
N THR A 159 -0.13 -26.14 6.19
CA THR A 159 0.47 -25.74 4.92
C THR A 159 -0.21 -24.53 4.27
N GLY A 160 -1.31 -24.08 4.86
CA GLY A 160 -2.07 -22.94 4.36
C GLY A 160 -1.45 -21.62 4.77
N VAL A 161 -1.96 -20.51 4.23
CA VAL A 161 -1.35 -19.21 4.47
C VAL A 161 -1.49 -18.68 5.90
N ASN A 162 -2.56 -19.06 6.60
CA ASN A 162 -2.79 -18.56 7.95
C ASN A 162 -2.27 -19.47 9.06
N GLY A 163 -1.80 -20.66 8.69
CA GLY A 163 -1.36 -21.65 9.65
C GLY A 163 -2.52 -22.39 10.30
N ASP A 164 -2.20 -23.36 11.14
CA ASP A 164 -3.20 -24.18 11.83
C ASP A 164 -4.14 -23.32 12.68
N SER A 165 -5.43 -23.61 12.61
CA SER A 165 -6.42 -22.83 13.33
C SER A 165 -6.18 -22.90 14.83
N ARG A 166 -5.51 -23.96 15.25
CA ARG A 166 -5.28 -24.17 16.67
C ARG A 166 -4.41 -23.07 17.28
N TYR A 167 -3.65 -22.35 16.44
CA TYR A 167 -2.80 -21.27 16.93
C TYR A 167 -3.59 -20.03 17.35
N PHE A 168 -4.66 -19.69 16.64
CA PHE A 168 -5.47 -18.56 17.06
C PHE A 168 -6.45 -18.96 18.16
N LEU A 169 -6.65 -20.26 18.30
CA LEU A 169 -7.53 -20.73 19.35
C LEU A 169 -6.83 -20.76 20.70
N TRP A 170 -5.52 -20.98 20.70
CA TRP A 170 -4.79 -21.24 21.93
C TRP A 170 -5.02 -20.17 23.00
N PRO A 171 -4.78 -18.89 22.64
CA PRO A 171 -4.97 -17.82 23.62
C PRO A 171 -6.38 -17.78 24.20
N LEU A 172 -7.40 -18.17 23.42
CA LEU A 172 -8.77 -18.06 23.90
C LEU A 172 -9.15 -19.26 24.77
N GLN A 173 -8.92 -20.46 24.23
CA GLN A 173 -9.36 -21.67 24.87
C GLN A 173 -8.51 -22.03 26.07
N HIS A 174 -7.20 -22.00 25.91
CA HIS A 174 -6.34 -22.31 27.03
C HIS A 174 -6.09 -21.08 27.91
N GLY A 175 -5.63 -20.00 27.29
CA GLY A 175 -5.20 -18.83 28.03
C GLY A 175 -6.28 -18.07 28.80
N THR A 176 -7.52 -18.14 28.32
CA THR A 176 -8.62 -17.44 28.95
C THR A 176 -9.63 -18.40 29.57
N LEU A 177 -10.18 -19.30 28.74
CA LEU A 177 -11.28 -20.13 29.20
C LEU A 177 -10.78 -21.24 30.16
N HIS A 178 -9.73 -21.95 29.77
CA HIS A 178 -9.15 -22.94 30.67
C HIS A 178 -8.59 -22.28 31.92
N PHE A 179 -7.87 -21.18 31.75
CA PHE A 179 -7.35 -20.45 32.89
C PHE A 179 -8.43 -20.17 33.92
N CYS A 180 -9.63 -19.83 33.45
CA CYS A 180 -10.75 -19.53 34.33
C CYS A 180 -11.48 -20.75 34.91
N GLY A 181 -11.04 -21.93 34.49
CA GLY A 181 -11.61 -23.15 35.04
C GLY A 181 -12.75 -23.68 34.21
N PHE A 182 -13.09 -22.99 33.11
CA PHE A 182 -14.14 -23.50 32.22
C PHE A 182 -13.75 -24.86 31.67
N LYS A 183 -14.75 -25.71 31.46
CA LYS A 183 -14.57 -26.86 30.60
C LYS A 183 -14.84 -26.37 29.19
N VAL A 184 -13.86 -26.52 28.32
CA VAL A 184 -14.02 -25.98 26.98
C VAL A 184 -14.47 -27.04 25.97
N LEU A 185 -15.61 -26.80 25.33
CA LEU A 185 -16.07 -27.65 24.24
C LEU A 185 -15.36 -27.25 22.94
N ALA A 186 -15.27 -28.19 21.99
CA ALA A 186 -14.62 -27.94 20.71
C ALA A 186 -15.26 -26.75 19.99
N PRO A 187 -14.42 -25.89 19.38
CA PRO A 187 -14.95 -24.69 18.72
C PRO A 187 -15.85 -25.02 17.56
N GLN A 188 -16.91 -24.25 17.39
CA GLN A 188 -17.63 -24.26 16.13
C GLN A 188 -16.98 -23.19 15.27
N ILE A 189 -16.35 -23.59 14.18
CA ILE A 189 -15.81 -22.61 13.27
C ILE A 189 -16.55 -22.68 11.94
N SER A 190 -17.26 -21.60 11.63
CA SER A 190 -17.94 -21.48 10.35
C SER A 190 -17.05 -20.66 9.40
N PHE A 191 -16.35 -21.36 8.51
CA PHE A 191 -15.37 -20.76 7.60
C PHE A 191 -16.01 -20.00 6.44
N ALA A 192 -15.60 -18.74 6.28
CA ALA A 192 -15.93 -17.93 5.09
C ALA A 192 -17.40 -17.92 4.59
N PRO A 193 -18.37 -17.59 5.47
CA PRO A 193 -19.77 -17.51 5.02
C PRO A 193 -19.96 -16.47 3.91
N GLU A 194 -19.24 -15.37 3.98
CA GLU A 194 -19.37 -14.29 3.00
C GLU A 194 -19.14 -14.73 1.55
N ILE A 195 -18.26 -15.70 1.33
CA ILE A 195 -17.97 -16.09 -0.05
C ILE A 195 -18.43 -17.51 -0.38
N ALA A 196 -19.09 -18.16 0.56
CA ALA A 196 -19.53 -19.53 0.35
C ALA A 196 -20.89 -19.56 -0.34
N SER A 197 -21.16 -20.66 -1.02
CA SER A 197 -22.41 -20.83 -1.73
C SER A 197 -23.57 -20.79 -0.78
N GLU A 198 -24.76 -20.53 -1.31
CA GLU A 198 -25.96 -20.50 -0.49
C GLU A 198 -26.11 -21.85 0.21
N GLU A 199 -25.67 -22.90 -0.48
CA GLU A 199 -25.75 -24.26 0.05
C GLU A 199 -24.80 -24.48 1.22
N GLU A 200 -23.57 -24.02 1.06
CA GLU A 200 -22.58 -24.19 2.12
C GLU A 200 -22.99 -23.40 3.36
N ARG A 201 -23.63 -22.26 3.14
CA ARG A 201 -24.12 -21.44 4.25
C ARG A 201 -25.20 -22.13 5.07
N LYS A 202 -26.23 -22.68 4.40
CA LYS A 202 -27.31 -23.37 5.12
C LYS A 202 -26.82 -24.60 5.88
N GLY A 203 -25.88 -25.32 5.29
CA GLY A 203 -25.29 -26.46 5.96
C GLY A 203 -24.53 -26.05 7.22
N MET A 204 -23.83 -24.91 7.15
CA MET A 204 -23.12 -24.39 8.29
C MET A 204 -24.09 -24.04 9.41
N VAL A 205 -25.24 -23.48 9.04
CA VAL A 205 -26.27 -23.16 10.01
C VAL A 205 -26.89 -24.44 10.56
N ALA A 206 -27.27 -25.33 9.66
CA ALA A 206 -27.87 -26.61 10.05
C ALA A 206 -26.91 -27.42 10.92
N ALA A 207 -25.61 -27.39 10.58
CA ALA A 207 -24.62 -28.15 11.34
C ALA A 207 -24.51 -27.65 12.78
N TRP A 208 -24.64 -26.35 12.95
CA TRP A 208 -24.61 -25.74 14.28
C TRP A 208 -25.89 -26.12 15.02
N SER A 209 -27.02 -26.01 14.33
CA SER A 209 -28.29 -26.40 14.93
C SER A 209 -28.23 -27.82 15.44
N GLN A 210 -27.72 -28.72 14.61
CA GLN A 210 -27.60 -30.13 14.97
C GLN A 210 -26.70 -30.38 16.18
N ARG A 211 -25.51 -29.79 16.21
CA ARG A 211 -24.62 -29.97 17.36
C ARG A 211 -25.23 -29.55 18.70
N LEU A 212 -25.93 -28.42 18.69
CA LEU A 212 -26.57 -27.89 19.89
C LEU A 212 -27.56 -28.87 20.52
N GLN A 213 -28.16 -29.72 19.70
CA GLN A 213 -29.15 -30.69 20.21
C GLN A 213 -28.59 -31.65 21.28
N THR A 214 -27.30 -31.97 21.22
CA THR A 214 -26.70 -32.83 22.22
C THR A 214 -25.50 -32.17 22.86
N ILE A 215 -25.54 -30.84 22.96
CA ILE A 215 -24.37 -30.10 23.38
C ILE A 215 -24.03 -30.42 24.84
N TRP A 216 -25.03 -30.65 25.65
CA TRP A 216 -24.80 -30.92 27.07
C TRP A 216 -24.08 -32.23 27.33
N LYS A 217 -24.27 -33.22 26.47
CA LYS A 217 -23.59 -34.50 26.65
C LYS A 217 -22.17 -34.49 26.13
N GLU A 218 -21.76 -33.40 25.47
CA GLU A 218 -20.44 -33.38 24.84
C GLU A 218 -19.30 -33.40 25.83
N GLU A 219 -18.25 -34.13 25.50
CA GLU A 219 -17.04 -34.13 26.31
C GLU A 219 -16.16 -32.93 25.99
N PRO A 220 -15.73 -32.20 27.02
CA PRO A 220 -14.77 -31.11 26.78
C PRO A 220 -13.53 -31.64 26.10
N ILE A 221 -12.84 -30.77 25.36
CA ILE A 221 -11.59 -31.14 24.73
C ILE A 221 -10.48 -31.24 25.77
N PRO A 222 -9.43 -32.00 25.46
CA PRO A 222 -8.29 -31.98 26.38
C PRO A 222 -7.53 -30.67 26.21
N CYS A 223 -7.51 -29.83 27.24
CA CYS A 223 -6.84 -28.54 27.10
C CYS A 223 -5.35 -28.68 27.41
N THR A 224 -4.59 -28.87 26.34
CA THR A 224 -3.19 -29.24 26.43
C THR A 224 -2.38 -28.51 25.37
N ALA A 225 -1.13 -28.19 25.71
CA ALA A 225 -0.22 -27.56 24.78
C ALA A 225 0.02 -28.44 23.56
N HIS A 226 -0.50 -29.66 23.60
CA HIS A 226 -0.40 -30.59 22.47
C HIS A 226 -1.65 -30.54 21.60
N TRP A 227 -2.72 -29.95 22.13
CA TRP A 227 -3.99 -29.87 21.40
C TRP A 227 -3.98 -28.75 20.37
N HIS A 228 -2.97 -27.88 20.42
CA HIS A 228 -2.93 -26.73 19.53
C HIS A 228 -1.74 -26.72 18.54
N PHE A 229 -0.65 -27.38 18.90
CA PHE A 229 0.58 -27.27 18.11
C PHE A 229 1.26 -28.61 17.85
N GLY A 230 0.63 -29.70 18.29
CA GLY A 230 1.18 -31.03 18.09
C GLY A 230 0.64 -31.71 16.84
N GLY B 3 16.99 11.03 9.70
CA GLY B 3 15.69 11.47 10.17
C GLY B 3 14.65 10.35 10.21
N LYS B 4 14.74 9.48 11.21
CA LYS B 4 13.80 8.37 11.35
C LYS B 4 12.58 8.75 12.18
N LYS B 5 11.40 8.37 11.70
CA LYS B 5 10.18 8.54 12.49
C LYS B 5 9.83 7.26 13.24
N VAL B 6 9.39 7.42 14.47
CA VAL B 6 8.98 6.30 15.29
C VAL B 6 7.60 6.57 15.86
N LEU B 7 6.72 5.59 15.73
CA LEU B 7 5.42 5.64 16.40
C LEU B 7 5.40 4.63 17.53
N ILE B 8 5.14 5.12 18.73
CA ILE B 8 4.90 4.23 19.83
C ILE B 8 3.41 4.20 20.13
N VAL B 9 2.79 3.05 19.90
CA VAL B 9 1.40 2.85 20.29
C VAL B 9 1.42 2.32 21.75
N TYR B 10 0.85 3.10 22.66
CA TYR B 10 1.02 2.85 24.11
C TYR B 10 -0.32 2.59 24.80
N ALA B 11 -0.43 1.48 25.53
CA ALA B 11 -1.69 1.10 26.19
C ALA B 11 -1.55 0.73 27.67
N HIS B 12 -1.33 1.73 28.51
CA HIS B 12 -1.40 1.55 29.93
C HIS B 12 -2.14 2.73 30.57
N GLN B 13 -2.90 2.46 31.62
CA GLN B 13 -3.68 3.51 32.28
C GLN B 13 -2.81 4.45 33.11
N GLU B 14 -1.60 4.01 33.45
CA GLU B 14 -0.81 4.66 34.49
C GLU B 14 0.62 5.05 34.06
N PRO B 15 0.90 6.36 34.04
CA PRO B 15 2.18 6.95 33.61
C PRO B 15 3.34 6.42 34.45
N LYS B 16 3.11 6.23 35.74
CA LYS B 16 4.15 5.79 36.66
C LYS B 16 4.30 4.28 36.65
N SER B 17 3.69 3.63 35.66
CA SER B 17 3.74 2.18 35.57
C SER B 17 5.06 1.71 34.94
N PHE B 18 5.32 0.41 35.02
CA PHE B 18 6.48 -0.17 34.35
C PHE B 18 6.36 -0.04 32.80
N ASN B 19 5.15 -0.18 32.26
CA ASN B 19 4.98 0.07 30.82
C ASN B 19 5.33 1.51 30.55
N GLY B 20 4.85 2.38 31.43
CA GLY B 20 5.07 3.82 31.34
C GLY B 20 6.54 4.14 31.26
N SER B 21 7.34 3.48 32.08
CA SER B 21 8.78 3.72 32.08
C SER B 21 9.42 3.22 30.80
N LEU B 22 8.97 2.07 30.30
CA LEU B 22 9.49 1.53 29.06
C LEU B 22 9.22 2.50 27.91
N LYS B 23 8.02 3.08 27.92
CA LYS B 23 7.64 4.04 26.90
C LYS B 23 8.48 5.31 27.01
N ASN B 24 8.66 5.80 28.24
CA ASN B 24 9.48 7.00 28.44
C ASN B 24 10.93 6.82 28.01
N VAL B 25 11.54 5.71 28.44
CA VAL B 25 12.89 5.37 28.02
C VAL B 25 12.99 5.37 26.49
N ALA B 26 12.05 4.71 25.84
CA ALA B 26 12.09 4.60 24.39
C ALA B 26 11.96 5.97 23.74
N VAL B 27 11.11 6.82 24.30
CA VAL B 27 11.01 8.18 23.80
C VAL B 27 12.36 8.85 23.93
N ASP B 28 12.90 8.85 25.14
CA ASP B 28 14.16 9.51 25.44
C ASP B 28 15.32 9.02 24.57
N GLU B 29 15.58 7.72 24.62
CA GLU B 29 16.66 7.14 23.84
C GLU B 29 16.54 7.43 22.33
N LEU B 30 15.40 7.11 21.74
CA LEU B 30 15.20 7.29 20.31
C LEU B 30 15.34 8.75 19.86
N SER B 31 14.77 9.66 20.64
CA SER B 31 14.88 11.09 20.41
C SER B 31 16.34 11.54 20.43
N ARG B 32 17.11 11.01 21.37
CA ARG B 32 18.53 11.33 21.51
C ARG B 32 19.32 10.99 20.26
N GLN B 33 18.77 10.13 19.40
CA GLN B 33 19.48 9.70 18.21
C GLN B 33 19.01 10.45 16.98
N GLY B 34 18.12 11.42 17.19
CA GLY B 34 17.62 12.24 16.10
C GLY B 34 16.32 11.75 15.47
N CYS B 35 15.69 10.77 16.10
CA CYS B 35 14.40 10.30 15.62
C CYS B 35 13.29 11.23 16.07
N THR B 36 12.22 11.26 15.27
CA THR B 36 10.99 11.88 15.68
C THR B 36 10.12 10.80 16.29
N VAL B 37 9.80 10.95 17.57
CA VAL B 37 8.97 9.97 18.23
C VAL B 37 7.57 10.54 18.48
N THR B 38 6.56 9.89 17.91
CA THR B 38 5.18 10.23 18.21
C THR B 38 4.64 9.15 19.13
N VAL B 39 3.76 9.51 20.06
CA VAL B 39 3.14 8.52 20.94
C VAL B 39 1.62 8.55 20.80
N SER B 40 1.00 7.40 20.61
CA SER B 40 -0.46 7.30 20.72
C SER B 40 -0.79 6.73 22.09
N ASP B 41 -1.10 7.60 23.03
CA ASP B 41 -1.45 7.19 24.40
C ASP B 41 -2.94 6.89 24.39
N LEU B 42 -3.27 5.65 24.04
CA LEU B 42 -4.65 5.25 23.80
C LEU B 42 -5.60 5.64 24.95
N TYR B 43 -5.28 5.24 26.16
CA TYR B 43 -6.09 5.59 27.33
C TYR B 43 -6.28 7.10 27.50
N ALA B 44 -5.24 7.88 27.23
CA ALA B 44 -5.36 9.33 27.43
C ALA B 44 -6.24 9.90 26.34
N MET B 45 -6.10 9.37 25.13
CA MET B 45 -6.95 9.81 24.04
C MET B 45 -8.36 9.26 24.25
N ASN B 46 -8.51 8.41 25.26
CA ASN B 46 -9.76 7.69 25.44
C ASN B 46 -10.15 7.04 24.11
N PHE B 47 -9.18 6.38 23.47
CA PHE B 47 -9.37 5.85 22.14
C PHE B 47 -10.60 4.93 22.03
N GLU B 48 -11.41 5.10 20.99
CA GLU B 48 -12.59 4.24 20.79
C GLU B 48 -12.20 2.86 20.24
N PRO B 49 -12.44 1.81 21.03
CA PRO B 49 -12.15 0.42 20.67
C PRO B 49 -13.24 -0.31 19.84
N ARG B 50 -14.50 0.10 19.94
CA ARG B 50 -15.57 -0.58 19.19
C ARG B 50 -15.53 -0.25 17.69
N ALA B 51 -15.67 -1.26 16.85
CA ALA B 51 -15.78 -1.08 15.41
C ALA B 51 -17.25 -0.89 15.07
N THR B 52 -17.68 0.35 14.88
CA THR B 52 -19.09 0.61 14.60
C THR B 52 -19.26 1.43 13.33
N ASP B 53 -20.52 1.60 12.92
CA ASP B 53 -20.88 2.40 11.77
C ASP B 53 -20.47 3.86 11.93
N LYS B 54 -20.27 4.32 13.15
CA LYS B 54 -19.82 5.69 13.35
C LYS B 54 -18.38 5.89 12.86
N ASP B 55 -17.73 4.81 12.44
CA ASP B 55 -16.38 4.93 11.88
C ASP B 55 -16.41 5.39 10.42
N ILE B 56 -17.59 5.42 9.84
CA ILE B 56 -17.76 6.00 8.51
C ILE B 56 -18.51 7.32 8.65
N THR B 57 -17.96 8.38 8.07
CA THR B 57 -18.55 9.73 8.17
C THR B 57 -19.53 9.97 7.02
N GLY B 58 -19.21 9.45 5.85
CA GLY B 58 -20.06 9.63 4.69
C GLY B 58 -21.40 8.97 4.82
N THR B 59 -22.01 8.65 3.69
CA THR B 59 -23.21 7.84 3.65
C THR B 59 -22.73 6.44 3.35
N LEU B 60 -23.46 5.43 3.83
CA LEU B 60 -23.02 4.03 3.71
C LEU B 60 -23.27 3.39 2.35
N SER B 61 -22.29 2.60 1.90
CA SER B 61 -22.41 1.82 0.67
C SER B 61 -23.69 0.96 0.64
N ASN B 62 -24.12 0.50 1.81
CA ASN B 62 -25.34 -0.29 1.95
C ASN B 62 -26.00 -0.03 3.29
N PRO B 63 -27.13 0.68 3.28
CA PRO B 63 -27.83 1.14 4.47
C PRO B 63 -28.52 0.01 5.24
N GLU B 64 -29.16 -0.91 4.52
CA GLU B 64 -29.96 -1.94 5.17
C GLU B 64 -29.10 -2.95 5.93
N VAL B 65 -28.02 -3.41 5.31
CA VAL B 65 -27.12 -4.39 5.92
C VAL B 65 -25.73 -3.80 6.17
N PHE B 66 -25.32 -3.75 7.43
CA PHE B 66 -24.00 -3.19 7.77
C PHE B 66 -22.89 -4.24 7.84
N ASN B 67 -21.89 -4.07 7.01
CA ASN B 67 -20.72 -4.94 6.97
C ASN B 67 -19.50 -4.06 7.26
N TYR B 68 -18.87 -4.28 8.41
CA TYR B 68 -17.83 -3.35 8.86
C TYR B 68 -16.62 -3.39 7.95
N GLY B 69 -16.23 -4.60 7.55
CA GLY B 69 -15.10 -4.77 6.67
C GLY B 69 -15.32 -4.03 5.36
N VAL B 70 -16.45 -4.30 4.71
CA VAL B 70 -16.75 -3.67 3.41
C VAL B 70 -16.90 -2.15 3.51
N GLU B 71 -17.61 -1.68 4.53
CA GLU B 71 -17.86 -0.24 4.64
C GLU B 71 -16.58 0.54 4.91
N THR B 72 -15.73 0.04 5.80
CA THR B 72 -14.48 0.76 6.08
C THR B 72 -13.51 0.72 4.89
N HIS B 73 -13.50 -0.38 4.14
CA HIS B 73 -12.69 -0.44 2.93
C HIS B 73 -13.06 0.70 1.99
N GLU B 74 -14.33 0.76 1.63
CA GLU B 74 -14.85 1.81 0.76
C GLU B 74 -14.58 3.17 1.34
N ALA B 75 -14.81 3.32 2.64
CA ALA B 75 -14.58 4.63 3.23
C ALA B 75 -13.11 5.01 3.13
N TYR B 76 -12.22 4.04 3.30
CA TYR B 76 -10.80 4.39 3.25
C TYR B 76 -10.45 5.04 1.90
N LYS B 77 -10.86 4.37 0.83
CA LYS B 77 -10.52 4.82 -0.51
C LYS B 77 -11.21 6.14 -0.83
N GLN B 78 -12.37 6.36 -0.21
CA GLN B 78 -13.15 7.56 -0.51
C GLN B 78 -12.97 8.63 0.55
N ARG B 79 -11.99 8.43 1.44
CA ARG B 79 -11.65 9.45 2.42
C ARG B 79 -12.90 9.82 3.24
N SER B 80 -13.55 8.81 3.80
CA SER B 80 -14.79 8.98 4.55
C SER B 80 -14.73 8.30 5.92
N LEU B 81 -13.53 7.96 6.38
CA LEU B 81 -13.33 7.36 7.69
C LEU B 81 -13.32 8.43 8.77
N ALA B 82 -13.71 8.06 9.98
CA ALA B 82 -13.70 9.01 11.10
C ALA B 82 -12.28 9.53 11.36
N SER B 83 -12.19 10.76 11.84
CA SER B 83 -10.91 11.45 11.97
C SER B 83 -9.92 10.79 12.93
N ASP B 84 -10.42 10.16 13.98
CA ASP B 84 -9.51 9.47 14.90
C ASP B 84 -8.81 8.31 14.20
N ILE B 85 -9.51 7.64 13.29
CA ILE B 85 -8.89 6.57 12.53
C ILE B 85 -7.86 7.16 11.56
N THR B 86 -8.28 8.11 10.76
CA THR B 86 -7.34 8.69 9.80
C THR B 86 -6.14 9.35 10.49
N ASP B 87 -6.32 9.84 11.71
CA ASP B 87 -5.19 10.41 12.43
C ASP B 87 -4.16 9.34 12.71
N GLU B 88 -4.63 8.18 13.13
CA GLU B 88 -3.71 7.11 13.44
C GLU B 88 -2.99 6.66 12.18
N GLN B 89 -3.77 6.46 11.12
CA GLN B 89 -3.23 6.00 9.84
C GLN B 89 -2.12 6.92 9.36
N LYS B 90 -2.33 8.22 9.48
CA LYS B 90 -1.28 9.15 9.12
C LYS B 90 0.01 8.85 9.91
N LYS B 91 -0.12 8.73 11.22
CA LYS B 91 1.00 8.43 12.12
C LYS B 91 1.69 7.15 11.70
N VAL B 92 0.90 6.13 11.40
CA VAL B 92 1.48 4.86 10.98
C VAL B 92 2.22 5.04 9.66
N ARG B 93 1.57 5.70 8.71
CA ARG B 93 2.10 5.95 7.37
C ARG B 93 3.51 6.55 7.41
N GLU B 94 3.70 7.53 8.30
CA GLU B 94 4.95 8.25 8.35
C GLU B 94 6.02 7.49 9.12
N ALA B 95 5.60 6.59 10.00
CA ALA B 95 6.52 5.83 10.83
C ALA B 95 7.43 4.93 10.02
N ASP B 96 8.70 4.92 10.42
CA ASP B 96 9.68 3.94 9.95
C ASP B 96 9.64 2.71 10.84
N LEU B 97 9.30 2.96 12.11
CA LEU B 97 9.21 1.91 13.11
C LEU B 97 7.96 2.15 13.95
N VAL B 98 7.23 1.07 14.24
CA VAL B 98 6.06 1.14 15.09
C VAL B 98 6.28 0.23 16.29
N ILE B 99 6.37 0.81 17.47
CA ILE B 99 6.51 0.03 18.71
C ILE B 99 5.18 -0.04 19.47
N PHE B 100 4.78 -1.26 19.83
CA PHE B 100 3.57 -1.47 20.63
C PHE B 100 3.96 -1.74 22.08
N GLN B 101 3.57 -0.84 22.97
CA GLN B 101 3.92 -0.95 24.38
C GLN B 101 2.67 -1.23 25.23
N PHE B 102 2.61 -2.42 25.83
CA PHE B 102 1.42 -2.88 26.53
C PHE B 102 1.66 -4.04 27.50
N PRO B 103 0.89 -4.07 28.60
CA PRO B 103 0.89 -5.26 29.43
C PRO B 103 0.01 -6.33 28.77
N LEU B 104 0.43 -7.58 28.87
CA LEU B 104 -0.34 -8.68 28.32
C LEU B 104 -1.68 -8.80 29.07
N TYR B 105 -2.80 -8.71 28.36
CA TYR B 105 -4.10 -9.04 28.95
C TYR B 105 -4.68 -10.31 28.29
N TRP B 106 -4.90 -11.34 29.09
CA TRP B 106 -5.42 -12.61 28.58
C TRP B 106 -4.64 -13.08 27.34
N PHE B 107 -3.32 -13.18 27.48
CA PHE B 107 -2.48 -13.71 26.41
C PHE B 107 -2.65 -12.93 25.13
N SER B 108 -3.00 -11.65 25.25
CA SER B 108 -3.15 -10.78 24.09
C SER B 108 -2.98 -9.31 24.47
N VAL B 109 -3.40 -8.42 23.58
CA VAL B 109 -3.38 -6.99 23.87
C VAL B 109 -4.64 -6.59 24.65
N PRO B 110 -4.52 -5.54 25.47
CA PRO B 110 -5.70 -4.92 26.09
C PRO B 110 -6.73 -4.53 25.02
N ALA B 111 -8.02 -4.63 25.34
CA ALA B 111 -9.10 -4.28 24.40
C ALA B 111 -8.87 -2.96 23.67
N ILE B 112 -8.37 -1.96 24.38
CA ILE B 112 -8.18 -0.66 23.74
C ILE B 112 -7.16 -0.73 22.61
N LEU B 113 -6.10 -1.51 22.79
CA LEU B 113 -5.14 -1.73 21.70
C LEU B 113 -5.69 -2.69 20.62
N LYS B 114 -6.51 -3.67 21.03
CA LYS B 114 -7.13 -4.54 20.04
C LYS B 114 -8.04 -3.71 19.11
N GLY B 115 -8.73 -2.72 19.67
CA GLY B 115 -9.60 -1.88 18.86
C GLY B 115 -8.83 -1.02 17.88
N TRP B 116 -7.66 -0.56 18.32
CA TRP B 116 -6.78 0.22 17.47
C TRP B 116 -6.40 -0.62 16.23
N MET B 117 -6.02 -1.86 16.47
CA MET B 117 -5.74 -2.79 15.39
C MET B 117 -6.98 -2.99 14.53
N ASP B 118 -8.12 -3.23 15.18
CA ASP B 118 -9.34 -3.52 14.45
C ASP B 118 -9.74 -2.36 13.53
N ARG B 119 -9.54 -1.12 14.00
CA ARG B 119 -10.08 0.06 13.30
C ARG B 119 -9.05 0.78 12.44
N VAL B 120 -7.80 0.79 12.87
CA VAL B 120 -6.78 1.51 12.14
C VAL B 120 -6.30 0.71 10.93
N LEU B 121 -6.03 -0.58 11.13
CA LEU B 121 -5.46 -1.42 10.09
C LEU B 121 -6.50 -1.95 9.10
N CYS B 122 -7.20 -1.06 8.39
CA CYS B 122 -8.29 -1.49 7.51
C CYS B 122 -7.84 -1.87 6.10
N GLN B 123 -8.72 -2.54 5.36
CA GLN B 123 -8.43 -2.90 3.98
C GLN B 123 -8.28 -1.66 3.11
N GLY B 124 -7.31 -1.70 2.20
CA GLY B 124 -6.95 -0.54 1.40
C GLY B 124 -5.76 0.18 2.01
N PHE B 125 -5.64 0.14 3.33
CA PHE B 125 -4.57 0.85 4.01
C PHE B 125 -3.45 -0.08 4.47
N ALA B 126 -3.79 -1.10 5.25
CA ALA B 126 -2.78 -1.98 5.80
C ALA B 126 -2.59 -3.20 4.90
N PHE B 127 -3.62 -3.53 4.14
CA PHE B 127 -3.54 -4.70 3.29
C PHE B 127 -4.57 -4.62 2.18
N ASP B 128 -4.47 -5.54 1.23
CA ASP B 128 -5.49 -5.66 0.20
C ASP B 128 -5.47 -7.08 -0.31
N ILE B 129 -6.48 -7.45 -1.10
CA ILE B 129 -6.49 -8.77 -1.72
C ILE B 129 -6.45 -8.62 -3.23
N PRO B 130 -5.28 -8.90 -3.85
CA PRO B 130 -4.03 -9.35 -3.22
C PRO B 130 -3.24 -8.21 -2.56
N GLY B 131 -2.27 -8.58 -1.72
CA GLY B 131 -1.48 -7.60 -0.99
C GLY B 131 -1.52 -7.83 0.51
N PHE B 132 -1.11 -9.02 0.96
CA PHE B 132 -1.00 -9.33 2.38
C PHE B 132 0.19 -10.27 2.64
N TYR B 133 0.45 -10.53 3.91
CA TYR B 133 1.71 -11.11 4.34
C TYR B 133 2.87 -10.41 3.60
N ASP B 134 3.75 -11.16 2.96
CA ASP B 134 4.93 -10.52 2.36
C ASP B 134 4.57 -9.40 1.39
N SER B 135 3.39 -9.47 0.80
CA SER B 135 2.96 -8.42 -0.14
C SER B 135 2.03 -7.37 0.51
N GLY B 136 1.97 -7.38 1.84
CA GLY B 136 1.16 -6.42 2.58
C GLY B 136 1.59 -4.97 2.41
N LEU B 137 0.63 -4.06 2.56
CA LEU B 137 0.81 -2.66 2.21
C LEU B 137 1.80 -1.90 3.09
N LEU B 138 1.97 -2.34 4.34
CA LEU B 138 2.90 -1.66 5.21
C LEU B 138 4.31 -2.23 5.07
N GLN B 139 4.56 -2.92 3.96
CA GLN B 139 5.90 -3.43 3.72
C GLN B 139 6.92 -2.30 3.84
N GLY B 140 8.14 -2.62 4.22
CA GLY B 140 9.14 -1.60 4.39
C GLY B 140 9.11 -0.93 5.75
N LYS B 141 8.08 -1.21 6.55
CA LYS B 141 8.01 -0.64 7.89
C LYS B 141 8.52 -1.67 8.89
N LEU B 142 9.03 -1.21 10.03
CA LEU B 142 9.43 -2.15 11.07
C LEU B 142 8.42 -2.13 12.21
N ALA B 143 8.27 -3.27 12.90
CA ALA B 143 7.37 -3.35 14.05
C ALA B 143 7.96 -4.18 15.18
N LEU B 144 7.79 -3.72 16.40
CA LEU B 144 8.31 -4.40 17.59
C LEU B 144 7.21 -4.42 18.65
N LEU B 145 6.96 -5.59 19.25
CA LEU B 145 6.06 -5.67 20.41
C LEU B 145 6.87 -5.57 21.70
N SER B 146 6.55 -4.60 22.53
CA SER B 146 7.17 -4.50 23.84
C SER B 146 6.13 -4.82 24.92
N VAL B 147 6.22 -6.05 25.43
CA VAL B 147 5.20 -6.62 26.28
C VAL B 147 5.74 -6.86 27.67
N THR B 148 4.91 -6.61 28.66
CA THR B 148 5.21 -6.98 30.04
C THR B 148 4.19 -8.03 30.45
N THR B 149 4.54 -8.86 31.42
CA THR B 149 3.67 -9.95 31.84
C THR B 149 3.56 -10.02 33.33
N GLY B 150 2.49 -10.64 33.82
CA GLY B 150 2.41 -11.00 35.22
C GLY B 150 3.19 -12.28 35.45
N GLY B 151 3.08 -13.23 34.54
CA GLY B 151 3.74 -14.52 34.66
C GLY B 151 5.25 -14.45 34.46
N THR B 152 5.98 -15.23 35.26
CA THR B 152 7.44 -15.32 35.12
C THR B 152 7.86 -16.08 33.86
N ALA B 153 9.15 -16.00 33.54
CA ALA B 153 9.67 -16.59 32.31
C ALA B 153 9.47 -18.10 32.25
N GLU B 154 9.69 -18.76 33.38
CA GLU B 154 9.60 -20.21 33.42
C GLU B 154 8.18 -20.67 33.13
N MET B 155 7.20 -19.88 33.54
CA MET B 155 5.80 -20.19 33.27
C MET B 155 5.53 -20.08 31.78
N TYR B 156 6.33 -19.29 31.08
CA TYR B 156 6.18 -19.16 29.63
C TYR B 156 7.17 -19.99 28.80
N THR B 157 7.41 -21.23 29.25
CA THR B 157 8.22 -22.15 28.47
C THR B 157 7.36 -23.34 28.10
N LYS B 158 7.89 -24.23 27.28
CA LYS B 158 7.13 -25.39 26.78
C LYS B 158 6.68 -26.30 27.92
N THR B 159 7.17 -26.03 29.11
CA THR B 159 6.89 -26.86 30.26
C THR B 159 6.45 -26.03 31.47
N GLY B 160 5.99 -24.80 31.21
CA GLY B 160 5.42 -23.96 32.24
C GLY B 160 3.91 -23.97 32.12
N VAL B 161 3.22 -23.48 33.15
CA VAL B 161 1.75 -23.57 33.19
C VAL B 161 1.05 -22.79 32.08
N ASN B 162 1.81 -22.04 31.30
CA ASN B 162 1.25 -21.17 30.28
C ASN B 162 1.63 -21.55 28.86
N GLY B 163 2.50 -22.54 28.71
CA GLY B 163 3.01 -22.90 27.40
C GLY B 163 3.99 -21.85 26.90
N ASP B 164 4.59 -22.12 25.75
CA ASP B 164 5.60 -21.21 25.21
C ASP B 164 5.02 -19.86 24.80
N SER B 165 5.80 -18.81 25.02
CA SER B 165 5.42 -17.43 24.75
C SER B 165 5.06 -17.21 23.28
N ARG B 166 5.63 -18.02 22.42
CA ARG B 166 5.42 -17.84 21.01
C ARG B 166 3.98 -18.17 20.63
N TYR B 167 3.26 -18.82 21.56
CA TYR B 167 1.85 -19.10 21.37
C TYR B 167 1.03 -17.81 21.46
N PHE B 168 1.37 -16.93 22.40
CA PHE B 168 0.64 -15.68 22.50
C PHE B 168 1.13 -14.63 21.52
N LEU B 169 2.32 -14.85 20.95
CA LEU B 169 2.85 -13.90 20.00
C LEU B 169 2.28 -14.13 18.60
N TRP B 170 1.86 -15.36 18.34
CA TRP B 170 1.43 -15.72 17.00
C TRP B 170 0.39 -14.78 16.39
N PRO B 171 -0.80 -14.67 17.02
CA PRO B 171 -1.86 -13.85 16.42
C PRO B 171 -1.42 -12.40 16.15
N LEU B 172 -0.55 -11.88 17.00
CA LEU B 172 -0.12 -10.50 16.86
C LEU B 172 1.00 -10.38 15.82
N GLN B 173 2.02 -11.21 15.95
CA GLN B 173 3.21 -11.07 15.11
C GLN B 173 2.98 -11.59 13.70
N HIS B 174 2.49 -12.81 13.59
CA HIS B 174 2.17 -13.38 12.29
C HIS B 174 0.80 -12.89 11.86
N GLY B 175 -0.20 -13.16 12.69
CA GLY B 175 -1.58 -12.93 12.30
C GLY B 175 -1.87 -11.49 11.93
N THR B 176 -1.20 -10.56 12.61
CA THR B 176 -1.51 -9.14 12.42
C THR B 176 -0.40 -8.33 11.73
N LEU B 177 0.79 -8.31 12.32
CA LEU B 177 1.92 -7.53 11.79
C LEU B 177 2.47 -8.05 10.46
N HIS B 178 2.83 -9.33 10.40
CA HIS B 178 3.31 -9.90 9.15
C HIS B 178 2.22 -9.85 8.09
N PHE B 179 0.96 -10.00 8.49
CA PHE B 179 -0.18 -9.91 7.56
C PHE B 179 -0.21 -8.59 6.80
N CYS B 180 0.12 -7.51 7.50
CA CYS B 180 0.14 -6.16 6.91
C CYS B 180 1.44 -5.80 6.18
N GLY B 181 2.42 -6.69 6.23
CA GLY B 181 3.65 -6.48 5.49
C GLY B 181 4.79 -5.99 6.36
N PHE B 182 4.52 -5.80 7.66
CA PHE B 182 5.57 -5.38 8.58
C PHE B 182 6.74 -6.35 8.59
N LYS B 183 7.92 -5.85 8.93
CA LYS B 183 9.00 -6.73 9.33
C LYS B 183 9.03 -6.70 10.85
N VAL B 184 8.90 -7.86 11.47
CA VAL B 184 8.82 -7.94 12.93
C VAL B 184 10.17 -8.22 13.55
N LEU B 185 10.61 -7.29 14.39
CA LEU B 185 11.82 -7.47 15.19
C LEU B 185 11.47 -8.31 16.40
N ALA B 186 12.48 -8.89 17.04
CA ALA B 186 12.25 -9.73 18.20
C ALA B 186 11.46 -8.98 19.27
N PRO B 187 10.38 -9.58 19.77
CA PRO B 187 9.58 -8.83 20.75
C PRO B 187 10.45 -8.58 21.97
N GLN B 188 10.19 -7.50 22.69
CA GLN B 188 10.85 -7.28 23.96
C GLN B 188 9.85 -7.64 25.06
N ILE B 189 10.13 -8.70 25.80
CA ILE B 189 9.22 -9.14 26.84
C ILE B 189 9.84 -8.98 28.21
N SER B 190 9.28 -8.09 29.02
CA SER B 190 9.71 -7.92 30.38
C SER B 190 8.84 -8.78 31.29
N PHE B 191 9.38 -9.91 31.73
CA PHE B 191 8.63 -10.86 32.54
C PHE B 191 8.47 -10.40 33.99
N ALA B 192 7.23 -10.50 34.48
CA ALA B 192 6.93 -10.27 35.89
C ALA B 192 7.71 -9.13 36.56
N PRO B 193 7.50 -7.89 36.10
CA PRO B 193 8.18 -6.80 36.81
C PRO B 193 7.58 -6.61 38.19
N GLU B 194 6.31 -7.00 38.34
CA GLU B 194 5.59 -6.82 39.58
C GLU B 194 6.19 -7.60 40.76
N ILE B 195 6.81 -8.75 40.48
CA ILE B 195 7.47 -9.48 41.55
C ILE B 195 8.98 -9.39 41.47
N ALA B 196 9.48 -8.92 40.34
CA ALA B 196 10.92 -8.73 40.18
C ALA B 196 11.43 -7.78 41.26
N SER B 197 12.74 -7.77 41.49
CA SER B 197 13.33 -6.89 42.48
C SER B 197 13.61 -5.52 41.89
N GLU B 198 13.94 -4.57 42.75
CA GLU B 198 14.29 -3.23 42.31
C GLU B 198 15.37 -3.30 41.25
N GLU B 199 16.41 -4.08 41.56
CA GLU B 199 17.56 -4.16 40.66
C GLU B 199 17.20 -4.79 39.33
N GLU B 200 16.37 -5.83 39.37
CA GLU B 200 16.00 -6.56 38.17
C GLU B 200 15.10 -5.71 37.27
N ARG B 201 14.18 -4.98 37.88
CA ARG B 201 13.38 -4.01 37.16
C ARG B 201 14.28 -3.04 36.43
N LYS B 202 15.24 -2.48 37.15
CA LYS B 202 16.18 -1.54 36.52
C LYS B 202 17.02 -2.29 35.51
N GLY B 203 17.39 -3.51 35.84
CA GLY B 203 18.04 -4.37 34.87
C GLY B 203 17.21 -4.43 33.60
N MET B 204 15.91 -4.62 33.77
CA MET B 204 15.00 -4.78 32.61
C MET B 204 14.84 -3.50 31.82
N VAL B 205 14.73 -2.39 32.52
CA VAL B 205 14.59 -1.12 31.84
C VAL B 205 15.89 -0.80 31.11
N ALA B 206 16.99 -1.12 31.76
CA ALA B 206 18.32 -0.88 31.19
C ALA B 206 18.53 -1.72 29.94
N ALA B 207 18.09 -2.98 30.00
CA ALA B 207 18.15 -3.87 28.85
C ALA B 207 17.40 -3.28 27.65
N TRP B 208 16.19 -2.80 27.89
CA TRP B 208 15.38 -2.17 26.82
C TRP B 208 16.10 -0.95 26.22
N SER B 209 16.59 -0.07 27.10
CA SER B 209 17.33 1.13 26.68
C SER B 209 18.49 0.77 25.77
N GLN B 210 19.33 -0.15 26.24
CA GLN B 210 20.49 -0.62 25.50
C GLN B 210 20.07 -1.06 24.10
N ARG B 211 19.22 -2.07 24.05
CA ARG B 211 18.76 -2.60 22.77
C ARG B 211 18.30 -1.52 21.79
N LEU B 212 17.58 -0.52 22.30
CA LEU B 212 17.10 0.55 21.42
C LEU B 212 18.23 1.32 20.72
N GLN B 213 19.40 1.41 21.36
CA GLN B 213 20.56 2.07 20.77
C GLN B 213 20.94 1.51 19.40
N THR B 214 20.89 0.18 19.27
CA THR B 214 21.28 -0.48 18.04
C THR B 214 20.07 -1.04 17.30
N ILE B 215 18.89 -0.56 17.63
CA ILE B 215 17.65 -1.13 17.11
C ILE B 215 17.60 -1.16 15.57
N TRP B 216 18.13 -0.13 14.91
CA TRP B 216 18.01 -0.04 13.45
C TRP B 216 18.97 -0.97 12.71
N LYS B 217 19.82 -1.67 13.46
CA LYS B 217 20.75 -2.61 12.88
C LYS B 217 20.27 -4.07 12.97
N GLU B 218 19.19 -4.30 13.69
CA GLU B 218 18.69 -5.66 13.95
C GLU B 218 18.07 -6.37 12.74
N GLU B 219 18.19 -7.69 12.73
CA GLU B 219 17.58 -8.52 11.70
C GLU B 219 16.13 -8.89 12.02
N PRO B 220 15.21 -8.57 11.11
CA PRO B 220 13.83 -9.04 11.32
C PRO B 220 13.79 -10.56 11.50
N ILE B 221 13.05 -11.00 12.51
CA ILE B 221 12.87 -12.42 12.75
C ILE B 221 12.18 -13.08 11.56
N PRO B 222 12.50 -14.36 11.31
CA PRO B 222 11.83 -15.14 10.27
C PRO B 222 10.44 -15.55 10.76
N CYS B 223 9.41 -14.84 10.29
CA CYS B 223 8.06 -15.02 10.80
C CYS B 223 7.32 -16.15 10.07
N THR B 224 7.32 -17.32 10.69
CA THR B 224 6.68 -18.50 10.11
C THR B 224 6.15 -19.42 11.20
N ALA B 225 5.54 -20.53 10.79
CA ALA B 225 4.99 -21.51 11.72
C ALA B 225 6.07 -22.42 12.29
N HIS B 226 7.31 -21.93 12.32
CA HIS B 226 8.44 -22.67 12.87
C HIS B 226 9.18 -21.88 13.94
N TRP B 227 8.91 -20.58 14.00
CA TRP B 227 9.53 -19.70 14.98
C TRP B 227 8.63 -19.52 16.21
N HIS B 228 7.42 -20.05 16.14
CA HIS B 228 6.43 -19.88 17.21
C HIS B 228 6.04 -21.17 17.94
N PHE B 229 6.02 -22.30 17.23
CA PHE B 229 5.59 -23.57 17.83
C PHE B 229 6.63 -24.68 17.73
N GLY B 230 7.76 -24.35 17.10
CA GLY B 230 8.86 -25.30 16.95
C GLY B 230 10.21 -24.64 17.15
N ALA C 1 4.76 38.24 2.22
CA ALA C 1 4.51 37.34 3.36
C ALA C 1 5.37 36.07 3.27
N MET C 2 6.04 35.75 4.37
CA MET C 2 6.69 34.46 4.53
C MET C 2 5.66 33.42 4.07
N GLY C 3 5.68 33.02 2.79
CA GLY C 3 4.48 32.46 2.15
C GLY C 3 4.63 31.71 0.83
N LYS C 4 4.34 32.37 -0.31
CA LYS C 4 4.85 31.97 -1.65
C LYS C 4 5.35 30.50 -1.87
N LYS C 5 4.76 29.77 -2.83
CA LYS C 5 4.90 28.30 -2.84
C LYS C 5 5.54 27.60 -4.05
N VAL C 6 6.40 26.62 -3.75
CA VAL C 6 7.07 25.85 -4.79
C VAL C 6 6.84 24.36 -4.58
N LEU C 7 6.53 23.66 -5.66
CA LEU C 7 6.50 22.20 -5.62
C LEU C 7 7.59 21.66 -6.51
N ILE C 8 8.52 20.93 -5.92
CA ILE C 8 9.52 20.19 -6.67
C ILE C 8 9.05 18.74 -6.87
N VAL C 9 8.76 18.36 -8.11
CA VAL C 9 8.43 16.98 -8.41
C VAL C 9 9.71 16.25 -8.79
N TYR C 10 10.16 15.36 -7.91
CA TYR C 10 11.53 14.86 -7.95
C TYR C 10 11.60 13.37 -8.29
N ALA C 11 12.34 13.03 -9.34
CA ALA C 11 12.40 11.66 -9.84
C ALA C 11 13.82 11.11 -9.94
N HIS C 12 14.38 10.73 -8.81
CA HIS C 12 15.68 10.03 -8.79
C HIS C 12 15.72 9.05 -7.63
N GLN C 13 16.44 7.95 -7.83
CA GLN C 13 16.50 6.89 -6.84
C GLN C 13 17.50 7.19 -5.72
N GLU C 14 18.53 7.98 -6.00
CA GLU C 14 19.62 8.14 -5.07
C GLU C 14 19.74 9.54 -4.45
N PRO C 15 19.63 9.62 -3.11
CA PRO C 15 19.78 10.90 -2.40
C PRO C 15 21.09 11.63 -2.69
N LYS C 16 22.20 10.89 -2.80
CA LYS C 16 23.51 11.49 -3.03
C LYS C 16 23.81 11.77 -4.51
N SER C 17 22.83 11.56 -5.37
CA SER C 17 23.00 11.74 -6.81
C SER C 17 23.16 13.21 -7.14
N PHE C 18 23.53 13.49 -8.39
CA PHE C 18 23.65 14.87 -8.81
C PHE C 18 22.27 15.53 -8.78
N ASN C 19 21.25 14.77 -9.22
CA ASN C 19 19.87 15.21 -9.16
C ASN C 19 19.46 15.54 -7.75
N GLY C 20 19.83 14.66 -6.82
CA GLY C 20 19.55 14.91 -5.42
C GLY C 20 20.18 16.23 -4.97
N SER C 21 21.39 16.50 -5.43
CA SER C 21 22.05 17.72 -5.02
C SER C 21 21.34 18.93 -5.59
N LEU C 22 20.85 18.82 -6.81
CA LEU C 22 20.16 19.95 -7.40
C LEU C 22 18.82 20.21 -6.71
N LYS C 23 18.16 19.15 -6.27
CA LYS C 23 16.92 19.29 -5.54
C LYS C 23 17.15 19.96 -4.18
N ASN C 24 18.20 19.54 -3.49
CA ASN C 24 18.53 20.14 -2.19
C ASN C 24 18.95 21.60 -2.27
N VAL C 25 19.75 21.93 -3.28
CA VAL C 25 20.13 23.32 -3.54
C VAL C 25 18.87 24.19 -3.72
N ALA C 26 17.86 23.64 -4.40
CA ALA C 26 16.64 24.38 -4.67
C ALA C 26 15.82 24.56 -3.40
N VAL C 27 15.67 23.49 -2.65
CA VAL C 27 14.93 23.56 -1.40
C VAL C 27 15.61 24.63 -0.55
N ASP C 28 16.93 24.54 -0.48
CA ASP C 28 17.73 25.42 0.37
C ASP C 28 17.64 26.88 -0.08
N GLU C 29 17.98 27.13 -1.34
CA GLU C 29 17.96 28.49 -1.86
C GLU C 29 16.56 29.11 -1.78
N LEU C 30 15.54 28.32 -2.06
CA LEU C 30 14.16 28.84 -2.06
C LEU C 30 13.57 29.14 -0.66
N SER C 31 13.95 28.33 0.33
CA SER C 31 13.53 28.53 1.72
C SER C 31 14.26 29.73 2.32
N ARG C 32 15.50 29.94 1.89
CA ARG C 32 16.28 31.12 2.25
C ARG C 32 15.55 32.38 1.83
N GLN C 33 14.75 32.27 0.77
CA GLN C 33 14.01 33.41 0.23
C GLN C 33 12.67 33.64 0.95
N GLY C 34 12.25 32.65 1.73
CA GLY C 34 10.98 32.74 2.44
C GLY C 34 9.83 31.97 1.81
N CYS C 35 10.12 31.16 0.80
CA CYS C 35 9.11 30.33 0.13
C CYS C 35 8.80 29.05 0.88
N THR C 36 7.56 28.60 0.79
CA THR C 36 7.22 27.22 1.16
C THR C 36 7.67 26.30 0.03
N VAL C 37 8.49 25.31 0.36
CA VAL C 37 8.90 24.33 -0.63
C VAL C 37 8.37 22.93 -0.29
N THR C 38 7.70 22.31 -1.24
CA THR C 38 7.18 20.96 -1.04
C THR C 38 7.84 20.07 -2.06
N VAL C 39 8.35 18.92 -1.63
CA VAL C 39 8.97 17.96 -2.53
C VAL C 39 8.13 16.69 -2.64
N SER C 40 7.75 16.31 -3.87
CA SER C 40 7.18 14.96 -4.10
C SER C 40 8.29 14.06 -4.62
N ASP C 41 8.81 13.25 -3.72
CA ASP C 41 9.94 12.38 -3.99
C ASP C 41 9.33 11.10 -4.50
N LEU C 42 9.15 11.03 -5.82
CA LEU C 42 8.35 9.99 -6.43
C LEU C 42 8.80 8.58 -6.06
N TYR C 43 10.10 8.32 -6.13
CA TYR C 43 10.58 6.96 -5.85
C TYR C 43 10.37 6.58 -4.38
N ALA C 44 10.64 7.53 -3.49
CA ALA C 44 10.43 7.37 -2.06
C ALA C 44 8.95 7.21 -1.70
N MET C 45 8.07 7.80 -2.49
CA MET C 45 6.63 7.67 -2.29
C MET C 45 6.18 6.36 -2.90
N ASN C 46 7.08 5.71 -3.62
CA ASN C 46 6.71 4.59 -4.48
C ASN C 46 5.50 4.91 -5.38
N PHE C 47 5.54 6.09 -5.99
CA PHE C 47 4.45 6.59 -6.81
C PHE C 47 3.99 5.63 -7.93
N GLU C 48 2.69 5.39 -7.99
CA GLU C 48 2.08 4.55 -9.03
C GLU C 48 2.09 5.27 -10.37
N PRO C 49 2.87 4.74 -11.33
CA PRO C 49 2.96 5.29 -12.69
C PRO C 49 1.83 4.84 -13.63
N ARG C 50 1.28 3.65 -13.41
CA ARG C 50 0.32 3.07 -14.33
C ARG C 50 -1.04 3.77 -14.25
N ALA C 51 -1.59 4.16 -15.40
CA ALA C 51 -2.94 4.70 -15.44
C ALA C 51 -3.97 3.57 -15.44
N THR C 52 -4.57 3.28 -14.30
CA THR C 52 -5.57 2.19 -14.24
C THR C 52 -6.88 2.62 -13.60
N ASP C 53 -7.86 1.73 -13.69
CA ASP C 53 -9.18 1.98 -13.11
C ASP C 53 -9.16 1.99 -11.58
N LYS C 54 -8.03 1.61 -10.97
CA LYS C 54 -7.85 1.82 -9.54
C LYS C 54 -7.67 3.31 -9.20
N ASP C 55 -7.58 4.15 -10.22
CA ASP C 55 -7.45 5.58 -10.03
C ASP C 55 -8.81 6.23 -9.79
N ILE C 56 -9.87 5.46 -10.00
CA ILE C 56 -11.20 5.95 -9.66
C ILE C 56 -11.80 5.13 -8.52
N THR C 57 -12.41 5.81 -7.55
CA THR C 57 -12.96 5.13 -6.38
C THR C 57 -14.49 5.08 -6.38
N GLY C 58 -15.12 5.74 -7.33
CA GLY C 58 -16.56 5.73 -7.39
C GLY C 58 -17.11 4.49 -8.07
N THR C 59 -18.31 4.60 -8.61
CA THR C 59 -18.82 3.60 -9.52
C THR C 59 -18.53 4.13 -10.92
N LEU C 60 -18.03 3.26 -11.80
CA LEU C 60 -17.68 3.69 -13.15
C LEU C 60 -18.90 4.14 -13.94
N SER C 61 -18.76 5.27 -14.63
CA SER C 61 -19.82 5.75 -15.52
C SER C 61 -20.13 4.65 -16.54
N ASN C 62 -19.10 3.97 -17.01
CA ASN C 62 -19.25 2.83 -17.90
C ASN C 62 -18.45 1.62 -17.46
N PRO C 63 -19.13 0.63 -16.89
CA PRO C 63 -18.51 -0.60 -16.36
C PRO C 63 -17.92 -1.50 -17.45
N GLU C 64 -18.72 -1.84 -18.46
CA GLU C 64 -18.30 -2.77 -19.52
C GLU C 64 -16.99 -2.40 -20.19
N VAL C 65 -16.92 -1.18 -20.71
CA VAL C 65 -15.75 -0.71 -21.43
C VAL C 65 -15.09 0.41 -20.65
N PHE C 66 -13.81 0.24 -20.33
CA PHE C 66 -13.08 1.23 -19.54
C PHE C 66 -12.31 2.19 -20.41
N ASN C 67 -12.58 3.48 -20.20
CA ASN C 67 -11.89 4.58 -20.88
C ASN C 67 -11.28 5.52 -19.84
N TYR C 68 -9.95 5.48 -19.72
CA TYR C 68 -9.27 6.20 -18.65
C TYR C 68 -9.56 7.71 -18.66
N GLY C 69 -9.49 8.32 -19.84
CA GLY C 69 -9.71 9.75 -19.93
C GLY C 69 -11.09 10.12 -19.42
N VAL C 70 -12.11 9.46 -19.95
CA VAL C 70 -13.49 9.72 -19.57
C VAL C 70 -13.75 9.50 -18.08
N GLU C 71 -13.35 8.34 -17.57
CA GLU C 71 -13.62 7.99 -16.17
C GLU C 71 -12.90 8.89 -15.17
N THR C 72 -11.66 9.29 -15.47
CA THR C 72 -10.94 10.23 -14.60
C THR C 72 -11.49 11.65 -14.74
N HIS C 73 -11.97 12.03 -15.92
CA HIS C 73 -12.60 13.33 -16.07
C HIS C 73 -13.77 13.42 -15.09
N GLU C 74 -14.62 12.40 -15.13
CA GLU C 74 -15.83 12.34 -14.33
C GLU C 74 -15.48 12.23 -12.85
N ALA C 75 -14.51 11.38 -12.56
CA ALA C 75 -14.05 11.19 -11.20
C ALA C 75 -13.59 12.52 -10.63
N TYR C 76 -12.85 13.29 -11.43
CA TYR C 76 -12.42 14.60 -10.95
C TYR C 76 -13.63 15.49 -10.58
N LYS C 77 -14.64 15.54 -11.46
CA LYS C 77 -15.82 16.36 -11.21
C LYS C 77 -16.61 15.88 -9.98
N GLN C 78 -16.55 14.58 -9.70
CA GLN C 78 -17.24 14.04 -8.53
C GLN C 78 -16.32 13.90 -7.30
N ARG C 79 -15.09 14.39 -7.40
CA ARG C 79 -14.14 14.34 -6.30
C ARG C 79 -13.89 12.93 -5.77
N SER C 80 -13.86 11.97 -6.68
CA SER C 80 -13.63 10.60 -6.29
C SER C 80 -12.45 9.99 -7.05
N LEU C 81 -11.42 10.77 -7.26
CA LEU C 81 -10.19 10.21 -7.81
C LEU C 81 -9.43 9.59 -6.66
N ALA C 82 -8.54 8.64 -6.95
CA ALA C 82 -7.70 8.05 -5.92
C ALA C 82 -7.00 9.11 -5.07
N SER C 83 -6.70 8.77 -3.82
CA SER C 83 -6.10 9.71 -2.90
C SER C 83 -4.72 10.18 -3.31
N ASP C 84 -3.91 9.28 -3.86
CA ASP C 84 -2.55 9.68 -4.25
C ASP C 84 -2.61 10.78 -5.31
N ILE C 85 -3.50 10.60 -6.27
CA ILE C 85 -3.79 11.62 -7.28
C ILE C 85 -4.26 12.91 -6.60
N THR C 86 -5.34 12.84 -5.83
CA THR C 86 -5.90 14.07 -5.27
C THR C 86 -4.90 14.81 -4.39
N ASP C 87 -3.95 14.09 -3.82
CA ASP C 87 -2.92 14.71 -3.00
C ASP C 87 -1.90 15.47 -3.84
N GLU C 88 -1.51 14.89 -4.97
CA GLU C 88 -0.65 15.63 -5.90
C GLU C 88 -1.41 16.84 -6.40
N GLN C 89 -2.69 16.65 -6.67
CA GLN C 89 -3.46 17.75 -7.24
C GLN C 89 -3.57 18.89 -6.26
N LYS C 90 -3.68 18.56 -4.98
CA LYS C 90 -3.75 19.60 -3.99
C LYS C 90 -2.41 20.37 -3.95
N LYS C 91 -1.30 19.64 -4.08
CA LYS C 91 0.04 20.26 -4.09
C LYS C 91 0.24 21.14 -5.32
N VAL C 92 -0.27 20.69 -6.46
CA VAL C 92 -0.21 21.53 -7.65
C VAL C 92 -1.18 22.72 -7.55
N ARG C 93 -2.35 22.52 -6.96
CA ARG C 93 -3.31 23.60 -6.82
C ARG C 93 -2.72 24.81 -6.08
N GLU C 94 -2.00 24.52 -5.00
CA GLU C 94 -1.46 25.56 -4.12
C GLU C 94 -0.15 26.17 -4.61
N ALA C 95 0.61 25.43 -5.42
CA ALA C 95 1.93 25.90 -5.82
C ALA C 95 1.92 27.01 -6.90
N ASP C 96 2.80 28.00 -6.73
CA ASP C 96 3.00 29.08 -7.71
C ASP C 96 4.04 28.67 -8.75
N LEU C 97 4.94 27.77 -8.37
CA LEU C 97 6.00 27.31 -9.26
C LEU C 97 6.14 25.81 -9.10
N VAL C 98 6.19 25.10 -10.21
CA VAL C 98 6.45 23.67 -10.15
C VAL C 98 7.74 23.33 -10.87
N ILE C 99 8.74 22.88 -10.12
CA ILE C 99 9.98 22.42 -10.74
C ILE C 99 9.98 20.91 -10.91
N PHE C 100 10.35 20.44 -12.10
CA PHE C 100 10.56 19.01 -12.34
C PHE C 100 12.07 18.70 -12.42
N GLN C 101 12.55 17.90 -11.48
CA GLN C 101 13.95 17.56 -11.38
C GLN C 101 14.13 16.11 -11.71
N PHE C 102 14.84 15.81 -12.79
CA PHE C 102 14.92 14.43 -13.23
C PHE C 102 16.08 14.24 -14.17
N PRO C 103 16.58 13.01 -14.25
CA PRO C 103 17.57 12.68 -15.27
C PRO C 103 16.83 12.36 -16.56
N LEU C 104 17.41 12.73 -17.69
CA LEU C 104 16.80 12.41 -18.96
C LEU C 104 16.91 10.89 -19.18
N TYR C 105 15.76 10.26 -19.43
CA TYR C 105 15.70 8.84 -19.79
C TYR C 105 15.12 8.75 -21.19
N TRP C 106 15.87 8.21 -22.13
CA TRP C 106 15.38 8.11 -23.52
C TRP C 106 14.78 9.43 -24.01
N PHE C 107 15.56 10.49 -23.93
CA PHE C 107 15.15 11.78 -24.46
C PHE C 107 13.85 12.27 -23.83
N SER C 108 13.61 11.90 -22.57
CA SER C 108 12.34 12.20 -21.96
C SER C 108 12.43 12.05 -20.44
N VAL C 109 11.28 11.98 -19.77
CA VAL C 109 11.25 11.80 -18.32
C VAL C 109 11.29 10.33 -17.96
N PRO C 110 11.83 10.00 -16.78
CA PRO C 110 11.70 8.65 -16.24
C PRO C 110 10.22 8.26 -16.19
N ALA C 111 9.94 6.97 -16.38
CA ALA C 111 8.58 6.47 -16.39
C ALA C 111 7.78 6.91 -15.16
N ILE C 112 8.39 6.89 -13.96
CA ILE C 112 7.66 7.23 -12.75
C ILE C 112 7.12 8.65 -12.80
N LEU C 113 7.91 9.54 -13.38
CA LEU C 113 7.49 10.95 -13.53
C LEU C 113 6.49 11.09 -14.69
N LYS C 114 6.69 10.29 -15.73
CA LYS C 114 5.73 10.23 -16.83
C LYS C 114 4.36 9.82 -16.29
N GLY C 115 4.35 8.90 -15.32
CA GLY C 115 3.11 8.45 -14.71
C GLY C 115 2.45 9.59 -13.94
N TRP C 116 3.28 10.38 -13.29
CA TRP C 116 2.78 11.54 -12.55
C TRP C 116 2.06 12.47 -13.52
N MET C 117 2.70 12.78 -14.63
CA MET C 117 2.05 13.58 -15.66
C MET C 117 0.74 12.96 -16.13
N ASP C 118 0.74 11.68 -16.49
CA ASP C 118 -0.45 10.99 -17.00
C ASP C 118 -1.59 11.00 -15.97
N ARG C 119 -1.27 10.76 -14.70
CA ARG C 119 -2.31 10.56 -13.69
C ARG C 119 -2.79 11.85 -13.03
N VAL C 120 -1.86 12.74 -12.68
CA VAL C 120 -2.19 13.99 -11.99
C VAL C 120 -2.85 15.04 -12.91
N LEU C 121 -2.34 15.21 -14.13
CA LEU C 121 -2.84 16.24 -15.03
C LEU C 121 -4.06 15.79 -15.82
N CYS C 122 -5.16 15.51 -15.12
CA CYS C 122 -6.31 14.93 -15.77
C CYS C 122 -7.22 16.02 -16.29
N GLN C 123 -8.12 15.63 -17.18
CA GLN C 123 -9.08 16.56 -17.75
C GLN C 123 -9.96 17.14 -16.63
N GLY C 124 -10.20 18.45 -16.68
CA GLY C 124 -11.00 19.11 -15.67
C GLY C 124 -10.10 19.75 -14.63
N PHE C 125 -8.93 19.17 -14.40
CA PHE C 125 -7.99 19.75 -13.44
C PHE C 125 -6.93 20.62 -14.12
N ALA C 126 -6.28 20.05 -15.13
CA ALA C 126 -5.17 20.72 -15.81
C ALA C 126 -5.64 21.47 -17.04
N PHE C 127 -6.65 20.92 -17.72
CA PHE C 127 -7.11 21.47 -18.97
C PHE C 127 -8.53 21.06 -19.16
N ASP C 128 -9.21 21.72 -20.08
CA ASP C 128 -10.48 21.22 -20.59
C ASP C 128 -10.52 21.41 -22.11
N ILE C 129 -11.56 20.88 -22.74
CA ILE C 129 -11.78 21.11 -24.16
C ILE C 129 -13.13 21.78 -24.36
N PRO C 130 -13.15 23.11 -24.52
CA PRO C 130 -11.99 24.01 -24.60
C PRO C 130 -11.38 24.28 -23.23
N GLY C 131 -10.15 24.78 -23.22
CA GLY C 131 -9.44 25.06 -21.99
C GLY C 131 -8.03 24.51 -22.01
N PHE C 132 -7.26 24.86 -23.03
CA PHE C 132 -5.91 24.35 -23.12
C PHE C 132 -4.98 25.34 -23.79
N TYR C 133 -3.71 24.96 -23.89
CA TYR C 133 -2.66 25.90 -24.24
C TYR C 133 -2.91 27.20 -23.49
N ASP C 134 -3.00 28.32 -24.21
CA ASP C 134 -3.19 29.61 -23.56
C ASP C 134 -4.38 29.64 -22.58
N SER C 135 -5.40 28.84 -22.84
CA SER C 135 -6.54 28.77 -21.94
C SER C 135 -6.56 27.54 -21.01
N GLY C 136 -5.40 26.91 -20.83
CA GLY C 136 -5.27 25.81 -19.87
C GLY C 136 -5.65 26.22 -18.45
N LEU C 137 -6.09 25.24 -17.65
CA LEU C 137 -6.62 25.54 -16.32
C LEU C 137 -5.54 25.85 -15.26
N LEU C 138 -4.30 25.48 -15.53
CA LEU C 138 -3.21 25.79 -14.60
C LEU C 138 -2.55 27.12 -14.91
N GLN C 139 -3.19 27.90 -15.77
CA GLN C 139 -2.66 29.20 -16.12
C GLN C 139 -2.47 30.01 -14.84
N GLY C 140 -1.49 30.90 -14.83
CA GLY C 140 -1.18 31.64 -13.62
C GLY C 140 -0.07 30.96 -12.83
N LYS C 141 0.31 29.75 -13.23
CA LYS C 141 1.40 29.03 -12.57
C LYS C 141 2.62 28.96 -13.46
N LEU C 142 3.79 28.89 -12.82
CA LEU C 142 5.07 28.69 -13.50
C LEU C 142 5.54 27.25 -13.44
N ALA C 143 6.25 26.81 -14.49
CA ALA C 143 6.83 25.48 -14.55
C ALA C 143 8.25 25.53 -15.09
N LEU C 144 9.13 24.72 -14.53
CA LEU C 144 10.52 24.73 -14.95
C LEU C 144 11.00 23.30 -14.95
N LEU C 145 11.63 22.89 -16.04
CA LEU C 145 12.29 21.60 -16.07
C LEU C 145 13.75 21.74 -15.65
N SER C 146 14.18 20.91 -14.72
CA SER C 146 15.57 20.84 -14.34
C SER C 146 16.07 19.45 -14.68
N VAL C 147 16.80 19.35 -15.78
CA VAL C 147 17.12 18.07 -16.39
C VAL C 147 18.61 17.84 -16.35
N THR C 148 19.00 16.61 -16.03
CA THR C 148 20.38 16.18 -16.17
C THR C 148 20.47 15.19 -17.32
N THR C 149 21.59 15.19 -18.03
CA THR C 149 21.74 14.30 -19.17
C THR C 149 22.99 13.44 -19.09
N GLY C 150 23.01 12.38 -19.87
CA GLY C 150 24.24 11.64 -20.10
C GLY C 150 25.14 12.32 -21.13
N GLY C 151 24.56 12.84 -22.22
CA GLY C 151 25.33 13.44 -23.29
C GLY C 151 25.85 14.83 -22.99
N THR C 152 26.95 15.22 -23.64
CA THR C 152 27.53 16.56 -23.50
C THR C 152 26.70 17.60 -24.23
N ALA C 153 26.93 18.88 -23.91
CA ALA C 153 26.22 19.94 -24.61
C ALA C 153 26.41 19.82 -26.12
N GLU C 154 27.66 19.64 -26.54
CA GLU C 154 28.00 19.54 -27.95
C GLU C 154 27.22 18.42 -28.62
N MET C 155 26.84 17.42 -27.85
CA MET C 155 26.09 16.31 -28.44
C MET C 155 24.63 16.69 -28.72
N TYR C 156 24.18 17.77 -28.09
CA TYR C 156 22.79 18.20 -28.24
C TYR C 156 22.67 19.46 -29.08
N THR C 157 23.40 19.48 -30.18
CA THR C 157 23.33 20.58 -31.12
C THR C 157 22.90 20.02 -32.46
N LYS C 158 22.55 20.92 -33.37
CA LYS C 158 22.04 20.50 -34.67
C LYS C 158 23.02 19.55 -35.35
N THR C 159 24.31 19.74 -35.11
CA THR C 159 25.35 18.95 -35.76
C THR C 159 25.97 17.91 -34.82
N GLY C 160 25.35 17.69 -33.66
CA GLY C 160 25.80 16.67 -32.73
C GLY C 160 24.98 15.40 -32.94
N VAL C 161 25.37 14.31 -32.28
CA VAL C 161 24.73 13.01 -32.55
C VAL C 161 23.25 12.92 -32.15
N ASN C 162 22.86 13.67 -31.12
CA ASN C 162 21.48 13.63 -30.63
C ASN C 162 20.51 14.61 -31.26
N GLY C 163 21.04 15.64 -31.92
CA GLY C 163 20.20 16.71 -32.42
C GLY C 163 19.98 17.77 -31.36
N ASP C 164 19.38 18.89 -31.79
CA ASP C 164 19.16 20.01 -30.90
C ASP C 164 18.38 19.61 -29.65
N SER C 165 18.81 20.12 -28.51
CA SER C 165 18.14 19.82 -27.25
C SER C 165 16.66 20.20 -27.32
N ARG C 166 16.32 21.12 -28.21
CA ARG C 166 14.95 21.63 -28.24
C ARG C 166 13.93 20.58 -28.71
N TYR C 167 14.40 19.55 -29.41
CA TYR C 167 13.50 18.48 -29.88
C TYR C 167 13.03 17.58 -28.76
N PHE C 168 13.88 17.30 -27.79
CA PHE C 168 13.39 16.49 -26.68
C PHE C 168 12.56 17.33 -25.71
N LEU C 169 12.83 18.64 -25.69
CA LEU C 169 12.08 19.54 -24.84
C LEU C 169 10.63 19.73 -25.32
N TRP C 170 10.40 19.64 -26.61
CA TRP C 170 9.09 20.00 -27.18
C TRP C 170 7.89 19.30 -26.53
N PRO C 171 7.87 17.97 -26.54
CA PRO C 171 6.74 17.22 -25.95
C PRO C 171 6.47 17.58 -24.50
N LEU C 172 7.51 17.98 -23.76
CA LEU C 172 7.33 18.31 -22.34
C LEU C 172 6.90 19.78 -22.13
N GLN C 173 7.67 20.70 -22.70
CA GLN C 173 7.44 22.12 -22.47
C GLN C 173 6.20 22.61 -23.19
N HIS C 174 6.00 22.16 -24.43
CA HIS C 174 4.84 22.57 -25.21
C HIS C 174 3.66 21.60 -25.06
N GLY C 175 3.89 20.34 -25.40
CA GLY C 175 2.83 19.35 -25.36
C GLY C 175 2.19 19.12 -23.99
N THR C 176 2.96 19.31 -22.93
CA THR C 176 2.45 19.08 -21.60
C THR C 176 2.28 20.37 -20.80
N LEU C 177 3.37 21.06 -20.54
CA LEU C 177 3.35 22.24 -19.68
C LEU C 177 2.51 23.38 -20.27
N HIS C 178 2.79 23.78 -21.51
CA HIS C 178 2.00 24.83 -22.14
C HIS C 178 0.55 24.37 -22.32
N PHE C 179 0.34 23.14 -22.76
CA PHE C 179 -1.02 22.65 -22.94
C PHE C 179 -1.88 22.94 -21.70
N CYS C 180 -1.31 22.69 -20.52
CA CYS C 180 -2.05 22.87 -19.27
C CYS C 180 -2.11 24.33 -18.79
N GLY C 181 -1.50 25.23 -19.53
CA GLY C 181 -1.63 26.64 -19.20
C GLY C 181 -0.48 27.19 -18.38
N PHE C 182 0.49 26.35 -18.06
CA PHE C 182 1.68 26.81 -17.35
C PHE C 182 2.38 27.89 -18.14
N LYS C 183 2.93 28.86 -17.43
CA LYS C 183 3.99 29.70 -17.97
C LYS C 183 5.27 28.93 -17.81
N VAL C 184 5.93 28.60 -18.91
CA VAL C 184 7.15 27.80 -18.82
C VAL C 184 8.42 28.64 -18.82
N LEU C 185 9.27 28.45 -17.80
CA LEU C 185 10.57 29.10 -17.77
C LEU C 185 11.57 28.26 -18.53
N ALA C 186 12.65 28.89 -19.00
CA ALA C 186 13.68 28.16 -19.73
C ALA C 186 14.23 26.99 -18.89
N PRO C 187 14.49 25.84 -19.54
CA PRO C 187 14.97 24.66 -18.81
C PRO C 187 16.34 24.85 -18.22
N GLN C 188 16.58 24.23 -17.08
CA GLN C 188 17.92 24.13 -16.55
C GLN C 188 18.44 22.78 -17.01
N ILE C 189 19.48 22.79 -17.83
CA ILE C 189 20.03 21.55 -18.31
C ILE C 189 21.45 21.43 -17.84
N SER C 190 21.68 20.48 -16.94
CA SER C 190 23.02 20.18 -16.49
C SER C 190 23.52 19.02 -17.33
N PHE C 191 24.40 19.34 -18.28
CA PHE C 191 24.92 18.34 -19.21
C PHE C 191 26.01 17.46 -18.59
N ALA C 192 25.81 16.15 -18.67
CA ALA C 192 26.85 15.17 -18.34
C ALA C 192 27.57 15.36 -17.00
N PRO C 193 26.82 15.41 -15.89
CA PRO C 193 27.48 15.52 -14.58
C PRO C 193 28.41 14.33 -14.35
N GLU C 194 28.02 13.15 -14.81
CA GLU C 194 28.80 11.92 -14.64
C GLU C 194 30.24 11.95 -15.14
N ILE C 195 30.52 12.69 -16.21
CA ILE C 195 31.88 12.72 -16.76
C ILE C 195 32.59 14.04 -16.49
N ALA C 196 31.84 15.00 -15.97
CA ALA C 196 32.40 16.32 -15.69
C ALA C 196 33.38 16.30 -14.51
N SER C 197 34.34 17.21 -14.51
CA SER C 197 35.24 17.36 -13.35
C SER C 197 34.43 17.72 -12.11
N GLU C 198 35.04 17.65 -10.94
CA GLU C 198 34.36 18.03 -9.72
C GLU C 198 34.14 19.54 -9.70
N GLU C 199 35.12 20.27 -10.25
CA GLU C 199 35.00 21.70 -10.44
C GLU C 199 33.82 22.04 -11.33
N GLU C 200 33.77 21.44 -12.52
CA GLU C 200 32.64 21.61 -13.42
C GLU C 200 31.31 21.35 -12.70
N ARG C 201 31.22 20.22 -12.00
CA ARG C 201 30.00 19.88 -11.28
C ARG C 201 29.57 20.95 -10.26
N LYS C 202 30.54 21.50 -9.53
CA LYS C 202 30.27 22.57 -8.56
C LYS C 202 29.75 23.82 -9.24
N GLY C 203 30.30 24.12 -10.42
CA GLY C 203 29.83 25.24 -11.22
C GLY C 203 28.38 25.03 -11.63
N MET C 204 28.05 23.82 -12.07
CA MET C 204 26.69 23.53 -12.48
C MET C 204 25.72 23.72 -11.31
N VAL C 205 26.15 23.32 -10.12
CA VAL C 205 25.34 23.49 -8.93
C VAL C 205 25.17 24.96 -8.55
N ALA C 206 26.29 25.67 -8.49
CA ALA C 206 26.31 27.11 -8.22
C ALA C 206 25.43 27.90 -9.20
N ALA C 207 25.51 27.57 -10.48
CA ALA C 207 24.72 28.26 -11.50
C ALA C 207 23.23 28.12 -11.24
N TRP C 208 22.82 26.94 -10.82
CA TRP C 208 21.42 26.67 -10.52
C TRP C 208 21.02 27.49 -9.29
N SER C 209 21.88 27.52 -8.29
CA SER C 209 21.61 28.30 -7.09
C SER C 209 21.45 29.75 -7.46
N GLN C 210 22.40 30.28 -8.24
CA GLN C 210 22.33 31.69 -8.63
C GLN C 210 21.04 31.98 -9.38
N ARG C 211 20.69 31.13 -10.34
CA ARG C 211 19.45 31.35 -11.09
C ARG C 211 18.19 31.34 -10.21
N LEU C 212 18.16 30.51 -9.17
CA LEU C 212 16.97 30.48 -8.31
C LEU C 212 16.75 31.78 -7.55
N GLN C 213 17.82 32.49 -7.23
CA GLN C 213 17.67 33.75 -6.50
C GLN C 213 16.68 34.70 -7.17
N THR C 214 16.65 34.74 -8.50
CA THR C 214 15.71 35.65 -9.19
C THR C 214 14.69 34.93 -10.06
N ILE C 215 14.39 33.69 -9.71
CA ILE C 215 13.51 32.87 -10.53
C ILE C 215 12.15 33.55 -10.69
N TRP C 216 11.70 34.24 -9.66
CA TRP C 216 10.35 34.80 -9.67
C TRP C 216 10.21 35.96 -10.66
N LYS C 217 11.32 36.48 -11.14
CA LYS C 217 11.30 37.62 -12.05
C LYS C 217 11.44 37.22 -13.50
N GLU C 218 11.86 35.99 -13.76
CA GLU C 218 12.17 35.59 -15.14
C GLU C 218 10.96 35.67 -16.04
N GLU C 219 11.20 36.02 -17.30
CA GLU C 219 10.15 36.01 -18.30
C GLU C 219 10.03 34.60 -18.84
N PRO C 220 8.82 34.05 -18.85
CA PRO C 220 8.64 32.74 -19.46
C PRO C 220 9.00 32.77 -20.95
N ILE C 221 9.48 31.65 -21.47
CA ILE C 221 9.91 31.58 -22.86
C ILE C 221 8.73 31.73 -23.81
N PRO C 222 9.01 32.08 -25.07
CA PRO C 222 7.94 32.12 -26.08
C PRO C 222 7.65 30.71 -26.58
N CYS C 223 6.53 30.14 -26.18
CA CYS C 223 6.26 28.74 -26.49
C CYS C 223 5.65 28.57 -27.87
N THR C 224 6.50 28.57 -28.88
CA THR C 224 6.08 28.43 -30.27
C THR C 224 6.88 27.33 -30.97
N ALA C 225 6.36 26.87 -32.11
CA ALA C 225 7.05 25.91 -32.95
C ALA C 225 8.22 26.60 -33.67
N HIS C 226 8.56 27.79 -33.20
CA HIS C 226 9.72 28.52 -33.68
C HIS C 226 10.78 28.50 -32.59
N TRP C 227 10.35 28.21 -31.36
CA TRP C 227 11.25 28.13 -30.21
C TRP C 227 12.07 26.85 -30.23
N HIS C 228 11.42 25.74 -30.59
CA HIS C 228 12.04 24.42 -30.46
C HIS C 228 12.69 23.88 -31.74
N PHE C 229 12.22 24.31 -32.91
CA PHE C 229 12.71 23.76 -34.18
C PHE C 229 13.21 24.82 -35.16
N GLY C 230 12.98 26.09 -34.85
CA GLY C 230 13.39 27.18 -35.72
C GLY C 230 14.38 28.12 -35.06
N GLY D 3 8.85 -17.96 -41.23
CA GLY D 3 9.74 -18.13 -40.09
C GLY D 3 10.08 -16.81 -39.41
N LYS D 4 9.28 -15.80 -39.71
CA LYS D 4 9.44 -14.48 -39.13
C LYS D 4 8.83 -14.42 -37.74
N LYS D 5 9.48 -13.68 -36.86
CA LYS D 5 9.00 -13.54 -35.50
C LYS D 5 8.71 -12.08 -35.21
N VAL D 6 7.51 -11.83 -34.70
CA VAL D 6 7.12 -10.48 -34.37
C VAL D 6 6.81 -10.32 -32.89
N LEU D 7 7.25 -9.20 -32.33
CA LEU D 7 6.81 -8.83 -31.00
C LEU D 7 5.90 -7.60 -31.04
N ILE D 8 4.71 -7.70 -30.46
CA ILE D 8 3.91 -6.51 -30.27
C ILE D 8 3.98 -6.11 -28.81
N VAL D 9 4.47 -4.90 -28.55
CA VAL D 9 4.44 -4.35 -27.22
C VAL D 9 3.20 -3.46 -27.11
N TYR D 10 2.24 -3.89 -26.29
CA TYR D 10 0.88 -3.34 -26.27
C TYR D 10 0.59 -2.64 -24.96
N ALA D 11 0.15 -1.39 -25.07
CA ALA D 11 -0.17 -0.56 -23.90
C ALA D 11 -1.56 0.09 -23.92
N HIS D 12 -2.59 -0.70 -23.66
CA HIS D 12 -3.93 -0.14 -23.44
C HIS D 12 -4.64 -0.94 -22.36
N GLN D 13 -5.45 -0.26 -21.56
CA GLN D 13 -6.15 -0.90 -20.47
C GLN D 13 -7.30 -1.77 -20.94
N GLU D 14 -7.88 -1.42 -22.08
CA GLU D 14 -9.16 -1.99 -22.48
C GLU D 14 -9.09 -2.82 -23.76
N PRO D 15 -9.35 -4.12 -23.64
CA PRO D 15 -9.34 -5.04 -24.78
C PRO D 15 -10.25 -4.58 -25.90
N LYS D 16 -11.36 -3.92 -25.57
CA LYS D 16 -12.35 -3.50 -26.57
C LYS D 16 -11.96 -2.19 -27.26
N SER D 17 -10.83 -1.62 -26.85
CA SER D 17 -10.45 -0.31 -27.36
C SER D 17 -10.09 -0.39 -28.83
N PHE D 18 -10.01 0.78 -29.47
CA PHE D 18 -9.50 0.86 -30.82
C PHE D 18 -8.06 0.32 -30.89
N ASN D 19 -7.23 0.65 -29.89
CA ASN D 19 -5.89 0.06 -29.79
C ASN D 19 -5.97 -1.46 -29.79
N GLY D 20 -6.89 -2.00 -28.98
CA GLY D 20 -7.07 -3.43 -28.85
C GLY D 20 -7.36 -4.05 -30.20
N SER D 21 -8.17 -3.37 -30.99
CA SER D 21 -8.55 -3.85 -32.30
C SER D 21 -7.37 -3.81 -33.26
N LEU D 22 -6.54 -2.76 -33.18
CA LEU D 22 -5.34 -2.67 -34.01
C LEU D 22 -4.36 -3.82 -33.69
N LYS D 23 -4.22 -4.10 -32.40
CA LYS D 23 -3.40 -5.20 -31.92
C LYS D 23 -3.96 -6.56 -32.39
N ASN D 24 -5.26 -6.78 -32.19
CA ASN D 24 -5.88 -8.01 -32.67
C ASN D 24 -5.73 -8.19 -34.17
N VAL D 25 -5.94 -7.12 -34.93
CA VAL D 25 -5.76 -7.19 -36.37
C VAL D 25 -4.33 -7.60 -36.72
N ALA D 26 -3.34 -6.96 -36.11
CA ALA D 26 -1.94 -7.34 -36.34
C ALA D 26 -1.69 -8.81 -35.97
N VAL D 27 -2.18 -9.27 -34.84
CA VAL D 27 -1.98 -10.69 -34.51
C VAL D 27 -2.58 -11.60 -35.58
N ASP D 28 -3.85 -11.38 -35.89
CA ASP D 28 -4.54 -12.16 -36.91
C ASP D 28 -3.78 -12.15 -38.24
N GLU D 29 -3.51 -10.97 -38.76
CA GLU D 29 -2.90 -10.84 -40.08
C GLU D 29 -1.49 -11.45 -40.18
N LEU D 30 -0.63 -11.10 -39.24
CA LEU D 30 0.74 -11.64 -39.22
C LEU D 30 0.80 -13.14 -38.96
N SER D 31 -0.11 -13.62 -38.11
CA SER D 31 -0.25 -15.05 -37.84
C SER D 31 -0.68 -15.81 -39.09
N ARG D 32 -1.58 -15.19 -39.85
CA ARG D 32 -2.06 -15.75 -41.11
C ARG D 32 -0.92 -15.98 -42.09
N GLN D 33 0.10 -15.14 -42.03
CA GLN D 33 1.20 -15.19 -43.00
C GLN D 33 2.28 -16.17 -42.60
N GLY D 34 2.22 -16.69 -41.39
CA GLY D 34 3.20 -17.68 -40.95
C GLY D 34 4.19 -17.15 -39.94
N CYS D 35 3.90 -15.98 -39.41
CA CYS D 35 4.76 -15.40 -38.40
C CYS D 35 4.43 -15.93 -37.03
N THR D 36 5.42 -15.97 -36.17
CA THR D 36 5.17 -16.21 -34.77
C THR D 36 4.99 -14.86 -34.09
N VAL D 37 3.78 -14.59 -33.61
CA VAL D 37 3.51 -13.29 -33.01
C VAL D 37 3.44 -13.40 -31.50
N THR D 38 4.29 -12.66 -30.81
CA THR D 38 4.22 -12.59 -29.36
C THR D 38 3.74 -11.20 -28.96
N VAL D 39 2.84 -11.14 -27.99
CA VAL D 39 2.32 -9.86 -27.54
C VAL D 39 2.71 -9.64 -26.08
N SER D 40 3.23 -8.46 -25.76
CA SER D 40 3.44 -8.10 -24.36
C SER D 40 2.36 -7.14 -23.91
N ASP D 41 1.30 -7.68 -23.34
CA ASP D 41 0.16 -6.88 -22.85
C ASP D 41 0.56 -6.30 -21.50
N LEU D 42 1.23 -5.15 -21.56
CA LEU D 42 1.79 -4.48 -20.38
C LEU D 42 0.82 -4.28 -19.21
N TYR D 43 -0.36 -3.70 -19.44
CA TYR D 43 -1.32 -3.56 -18.35
C TYR D 43 -1.77 -4.92 -17.79
N ALA D 44 -1.83 -5.93 -18.66
CA ALA D 44 -2.30 -7.22 -18.20
C ALA D 44 -1.21 -7.88 -17.34
N MET D 45 0.04 -7.74 -17.75
CA MET D 45 1.18 -8.25 -16.99
C MET D 45 1.44 -7.45 -15.70
N ASN D 46 0.63 -6.41 -15.46
CA ASN D 46 0.97 -5.41 -14.45
C ASN D 46 2.45 -5.00 -14.52
N PHE D 47 2.96 -4.78 -15.72
CA PHE D 47 4.38 -4.56 -15.92
C PHE D 47 4.90 -3.41 -15.02
N GLU D 48 6.01 -3.65 -14.34
CA GLU D 48 6.63 -2.63 -13.48
C GLU D 48 7.34 -1.54 -14.30
N PRO D 49 6.85 -0.30 -14.22
CA PRO D 49 7.46 0.80 -14.98
C PRO D 49 8.64 1.47 -14.26
N ARG D 50 8.70 1.36 -12.94
CA ARG D 50 9.71 2.09 -12.18
C ARG D 50 11.09 1.45 -12.33
N ALA D 51 12.08 2.27 -12.63
CA ALA D 51 13.49 1.87 -12.58
C ALA D 51 14.02 1.95 -11.12
N THR D 52 14.09 0.81 -10.44
CA THR D 52 14.55 0.78 -9.04
C THR D 52 15.59 -0.32 -8.82
N ASP D 53 16.10 -0.40 -7.59
CA ASP D 53 17.14 -1.36 -7.25
C ASP D 53 16.63 -2.80 -7.22
N LYS D 54 15.32 -2.99 -7.28
CA LYS D 54 14.77 -4.33 -7.38
C LYS D 54 14.90 -4.89 -8.80
N ASP D 55 15.39 -4.09 -9.74
CA ASP D 55 15.62 -4.63 -11.07
C ASP D 55 16.92 -5.45 -11.10
N ILE D 56 17.71 -5.34 -10.03
CA ILE D 56 18.95 -6.11 -9.89
C ILE D 56 18.77 -7.17 -8.78
N THR D 57 18.91 -8.45 -9.13
CA THR D 57 18.72 -9.53 -8.16
C THR D 57 20.01 -9.91 -7.45
N GLY D 58 21.13 -9.67 -8.12
CA GLY D 58 22.42 -10.05 -7.59
C GLY D 58 22.88 -9.17 -6.45
N THR D 59 24.19 -9.10 -6.27
CA THR D 59 24.79 -8.21 -5.30
C THR D 59 25.21 -6.95 -6.04
N LEU D 60 24.92 -5.80 -5.44
CA LEU D 60 25.25 -4.53 -6.10
C LEU D 60 26.75 -4.25 -6.16
N SER D 61 27.19 -3.73 -7.30
CA SER D 61 28.60 -3.35 -7.49
C SER D 61 29.01 -2.34 -6.44
N ASN D 62 28.24 -1.26 -6.33
CA ASN D 62 28.42 -0.28 -5.28
C ASN D 62 27.15 -0.09 -4.47
N PRO D 63 27.15 -0.58 -3.23
CA PRO D 63 25.96 -0.51 -2.38
C PRO D 63 25.81 0.86 -1.72
N GLU D 64 26.91 1.59 -1.60
CA GLU D 64 26.89 2.90 -0.94
C GLU D 64 26.10 3.93 -1.72
N VAL D 65 26.21 3.89 -3.05
CA VAL D 65 25.51 4.82 -3.91
C VAL D 65 24.95 4.11 -5.14
N PHE D 66 23.65 4.25 -5.37
CA PHE D 66 22.97 3.51 -6.44
C PHE D 66 22.86 4.28 -7.75
N ASN D 67 23.40 3.69 -8.80
CA ASN D 67 23.38 4.30 -10.13
C ASN D 67 22.66 3.34 -11.07
N TYR D 68 21.45 3.71 -11.49
CA TYR D 68 20.60 2.76 -12.22
C TYR D 68 21.25 2.26 -13.51
N GLY D 69 21.85 3.19 -14.26
CA GLY D 69 22.47 2.83 -15.51
C GLY D 69 23.63 1.86 -15.31
N VAL D 70 24.44 2.12 -14.28
CA VAL D 70 25.62 1.30 -14.05
C VAL D 70 25.30 -0.06 -13.46
N GLU D 71 24.35 -0.09 -12.53
CA GLU D 71 24.02 -1.36 -11.89
C GLU D 71 23.30 -2.29 -12.87
N THR D 72 22.52 -1.73 -13.77
CA THR D 72 21.80 -2.58 -14.71
C THR D 72 22.72 -3.03 -15.85
N HIS D 73 23.70 -2.20 -16.22
CA HIS D 73 24.66 -2.59 -17.26
C HIS D 73 25.50 -3.77 -16.76
N GLU D 74 25.98 -3.66 -15.53
CA GLU D 74 26.71 -4.76 -14.91
C GLU D 74 25.80 -5.98 -14.77
N ALA D 75 24.62 -5.78 -14.21
CA ALA D 75 23.70 -6.89 -14.01
C ALA D 75 23.38 -7.62 -15.31
N TYR D 76 23.30 -6.88 -16.43
CA TYR D 76 23.01 -7.54 -17.71
C TYR D 76 24.11 -8.53 -18.12
N LYS D 77 25.35 -8.07 -18.08
CA LYS D 77 26.51 -8.90 -18.41
C LYS D 77 26.71 -10.08 -17.44
N GLN D 78 26.28 -9.90 -16.19
CA GLN D 78 26.47 -10.92 -15.17
C GLN D 78 25.20 -11.77 -15.00
N ARG D 79 24.25 -11.57 -15.89
CA ARG D 79 23.02 -12.37 -15.89
C ARG D 79 22.34 -12.29 -14.51
N SER D 80 22.23 -11.06 -14.01
CA SER D 80 21.71 -10.78 -12.69
C SER D 80 20.55 -9.76 -12.71
N LEU D 81 19.87 -9.64 -13.85
CA LEU D 81 18.69 -8.78 -13.94
C LEU D 81 17.42 -9.49 -13.53
N ALA D 82 16.45 -8.72 -13.04
CA ALA D 82 15.12 -9.26 -12.73
C ALA D 82 14.57 -10.07 -13.90
N SER D 83 13.85 -11.13 -13.56
CA SER D 83 13.30 -12.05 -14.56
C SER D 83 12.32 -11.38 -15.51
N ASP D 84 11.53 -10.43 -15.00
CA ASP D 84 10.55 -9.76 -15.86
C ASP D 84 11.28 -9.01 -16.98
N ILE D 85 12.43 -8.42 -16.65
CA ILE D 85 13.23 -7.72 -17.62
C ILE D 85 13.86 -8.70 -18.63
N THR D 86 14.41 -9.82 -18.14
CA THR D 86 15.03 -10.77 -19.06
C THR D 86 14.02 -11.47 -19.97
N ASP D 87 12.79 -11.61 -19.50
CA ASP D 87 11.72 -12.14 -20.35
C ASP D 87 11.47 -11.22 -21.53
N GLU D 88 11.38 -9.93 -21.27
CA GLU D 88 11.18 -8.98 -22.36
C GLU D 88 12.40 -9.00 -23.28
N GLN D 89 13.58 -9.00 -22.69
CA GLN D 89 14.81 -9.02 -23.49
C GLN D 89 14.83 -10.25 -24.40
N LYS D 90 14.47 -11.40 -23.86
CA LYS D 90 14.44 -12.58 -24.68
C LYS D 90 13.47 -12.40 -25.85
N LYS D 91 12.30 -11.83 -25.58
CA LYS D 91 11.27 -11.65 -26.61
C LYS D 91 11.79 -10.72 -27.70
N VAL D 92 12.46 -9.66 -27.29
CA VAL D 92 13.04 -8.71 -28.23
C VAL D 92 14.14 -9.38 -29.05
N ARG D 93 14.98 -10.18 -28.37
CA ARG D 93 16.09 -10.85 -29.03
C ARG D 93 15.66 -11.73 -30.21
N GLU D 94 14.56 -12.44 -30.04
CA GLU D 94 14.09 -13.37 -31.06
C GLU D 94 13.30 -12.68 -32.16
N ALA D 95 12.86 -11.46 -31.89
CA ALA D 95 11.95 -10.77 -32.80
C ALA D 95 12.64 -10.19 -34.03
N ASP D 96 12.03 -10.42 -35.19
CA ASP D 96 12.45 -9.76 -36.44
C ASP D 96 11.86 -8.35 -36.57
N LEU D 97 10.70 -8.15 -35.96
CA LEU D 97 9.98 -6.90 -36.01
C LEU D 97 9.32 -6.66 -34.67
N VAL D 98 9.42 -5.44 -34.17
CA VAL D 98 8.81 -5.08 -32.90
C VAL D 98 7.83 -3.94 -33.13
N ILE D 99 6.56 -4.20 -32.88
CA ILE D 99 5.53 -3.18 -33.04
C ILE D 99 5.12 -2.65 -31.68
N PHE D 100 5.12 -1.33 -31.53
CA PHE D 100 4.63 -0.72 -30.29
C PHE D 100 3.22 -0.19 -30.59
N GLN D 101 2.24 -0.64 -29.81
CA GLN D 101 0.84 -0.29 -30.04
C GLN D 101 0.31 0.46 -28.83
N PHE D 102 0.00 1.74 -28.99
CA PHE D 102 -0.34 2.58 -27.85
C PHE D 102 -1.07 3.86 -28.23
N PRO D 103 -1.95 4.34 -27.32
CA PRO D 103 -2.54 5.67 -27.46
C PRO D 103 -1.48 6.70 -27.05
N LEU D 104 -1.53 7.86 -27.70
CA LEU D 104 -0.60 8.93 -27.36
C LEU D 104 -0.96 9.51 -26.00
N TYR D 105 -0.02 9.48 -25.07
CA TYR D 105 -0.21 10.14 -23.78
C TYR D 105 0.79 11.29 -23.63
N TRP D 106 0.28 12.51 -23.55
CA TRP D 106 1.12 13.69 -23.42
C TRP D 106 2.27 13.70 -24.43
N PHE D 107 1.93 13.52 -25.70
CA PHE D 107 2.88 13.63 -26.78
C PHE D 107 3.97 12.56 -26.69
N SER D 108 3.73 11.55 -25.87
CA SER D 108 4.67 10.44 -25.68
C SER D 108 3.95 9.11 -25.45
N VAL D 109 4.69 8.11 -24.96
CA VAL D 109 4.11 6.82 -24.62
C VAL D 109 3.51 6.89 -23.23
N PRO D 110 2.54 6.02 -22.94
CA PRO D 110 2.04 5.87 -21.57
C PRO D 110 3.19 5.47 -20.62
N ALA D 111 3.16 5.95 -19.39
CA ALA D 111 4.20 5.59 -18.41
C ALA D 111 4.59 4.11 -18.45
N ILE D 112 3.59 3.22 -18.54
CA ILE D 112 3.87 1.78 -18.46
C ILE D 112 4.80 1.32 -19.58
N LEU D 113 4.57 1.84 -20.78
CA LEU D 113 5.43 1.58 -21.91
C LEU D 113 6.77 2.34 -21.79
N LYS D 114 6.73 3.54 -21.23
CA LYS D 114 7.96 4.27 -21.02
C LYS D 114 8.87 3.45 -20.08
N GLY D 115 8.27 2.77 -19.11
CA GLY D 115 9.05 1.95 -18.19
C GLY D 115 9.66 0.74 -18.88
N TRP D 116 8.93 0.18 -19.83
CA TRP D 116 9.45 -0.95 -20.56
C TRP D 116 10.71 -0.53 -21.32
N MET D 117 10.67 0.64 -21.94
CA MET D 117 11.85 1.19 -22.62
C MET D 117 12.97 1.50 -21.63
N ASP D 118 12.61 2.11 -20.50
CA ASP D 118 13.57 2.42 -19.44
C ASP D 118 14.25 1.18 -18.88
N ARG D 119 13.49 0.11 -18.64
CA ARG D 119 14.07 -1.06 -17.98
C ARG D 119 14.59 -2.16 -18.94
N VAL D 120 13.94 -2.34 -20.08
CA VAL D 120 14.29 -3.41 -21.00
C VAL D 120 15.51 -3.09 -21.88
N LEU D 121 15.60 -1.85 -22.36
CA LEU D 121 16.66 -1.50 -23.29
C LEU D 121 17.91 -1.01 -22.56
N CYS D 122 18.53 -1.86 -21.76
CA CYS D 122 19.68 -1.42 -20.98
C CYS D 122 20.99 -1.55 -21.74
N GLN D 123 22.02 -0.88 -21.25
CA GLN D 123 23.32 -0.93 -21.89
C GLN D 123 23.85 -2.36 -21.90
N GLY D 124 24.46 -2.75 -23.00
CA GLY D 124 24.96 -4.11 -23.17
C GLY D 124 23.98 -4.96 -23.96
N PHE D 125 22.70 -4.67 -23.81
CA PHE D 125 21.67 -5.40 -24.55
C PHE D 125 21.23 -4.57 -25.75
N ALA D 126 20.82 -3.33 -25.50
CA ALA D 126 20.26 -2.51 -26.56
C ALA D 126 21.32 -1.63 -27.22
N PHE D 127 22.37 -1.33 -26.48
CA PHE D 127 23.41 -0.45 -26.99
C PHE D 127 24.65 -0.53 -26.10
N ASP D 128 25.76 -0.05 -26.63
CA ASP D 128 26.97 0.07 -25.85
C ASP D 128 27.74 1.31 -26.27
N ILE D 129 28.84 1.60 -25.60
CA ILE D 129 29.68 2.75 -25.96
C ILE D 129 31.10 2.26 -26.23
N PRO D 130 31.48 2.18 -27.52
CA PRO D 130 30.70 2.58 -28.70
C PRO D 130 29.60 1.57 -29.01
N GLY D 131 28.80 1.84 -30.03
CA GLY D 131 27.74 0.95 -30.46
C GLY D 131 26.36 1.52 -30.20
N PHE D 132 26.05 2.64 -30.84
CA PHE D 132 24.71 3.20 -30.72
C PHE D 132 24.39 3.90 -32.00
N TYR D 133 23.15 4.34 -32.15
CA TYR D 133 22.66 4.75 -33.45
C TYR D 133 23.02 3.67 -34.46
N ASP D 134 23.66 4.03 -35.56
CA ASP D 134 23.91 3.05 -36.61
C ASP D 134 24.65 1.80 -36.14
N SER D 135 25.47 1.92 -35.10
CA SER D 135 26.13 0.74 -34.53
C SER D 135 25.42 0.21 -33.26
N GLY D 136 24.17 0.63 -33.07
CA GLY D 136 23.35 0.07 -32.01
C GLY D 136 23.28 -1.46 -32.08
N LEU D 137 23.06 -2.10 -30.93
CA LEU D 137 23.20 -3.55 -30.82
C LEU D 137 22.00 -4.32 -31.34
N LEU D 138 20.88 -3.63 -31.50
CA LEU D 138 19.67 -4.26 -32.05
C LEU D 138 19.57 -4.01 -33.55
N GLN D 139 20.70 -3.70 -34.18
CA GLN D 139 20.69 -3.50 -35.62
C GLN D 139 20.32 -4.81 -36.31
N GLY D 140 19.62 -4.71 -37.43
CA GLY D 140 19.10 -5.90 -38.09
C GLY D 140 17.66 -6.18 -37.73
N LYS D 141 17.14 -5.44 -36.74
CA LYS D 141 15.74 -5.60 -36.34
C LYS D 141 14.87 -4.44 -36.82
N LEU D 142 13.62 -4.73 -37.13
CA LEU D 142 12.66 -3.69 -37.51
C LEU D 142 11.81 -3.23 -36.33
N ALA D 143 11.51 -1.93 -36.28
CA ALA D 143 10.59 -1.39 -35.28
C ALA D 143 9.54 -0.49 -35.93
N LEU D 144 8.32 -0.50 -35.38
CA LEU D 144 7.23 0.30 -35.93
C LEU D 144 6.36 0.86 -34.80
N LEU D 145 6.03 2.15 -34.86
CA LEU D 145 5.11 2.70 -33.88
C LEU D 145 3.69 2.74 -34.40
N SER D 146 2.79 2.05 -33.72
CA SER D 146 1.38 2.12 -34.06
C SER D 146 0.67 2.94 -32.97
N VAL D 147 0.38 4.20 -33.31
CA VAL D 147 -0.10 5.22 -32.39
C VAL D 147 -1.54 5.66 -32.70
N THR D 148 -2.38 5.75 -31.68
CA THR D 148 -3.66 6.43 -31.81
C THR D 148 -3.62 7.77 -31.05
N THR D 149 -4.38 8.76 -31.52
CA THR D 149 -4.38 10.08 -30.90
C THR D 149 -5.80 10.53 -30.61
N GLY D 150 -5.95 11.48 -29.68
CA GLY D 150 -7.21 12.17 -29.48
C GLY D 150 -7.38 13.31 -30.47
N GLY D 151 -6.29 14.00 -30.80
CA GLY D 151 -6.34 15.12 -31.73
C GLY D 151 -6.53 14.66 -33.16
N THR D 152 -7.21 15.47 -33.96
CA THR D 152 -7.41 15.18 -35.37
C THR D 152 -6.13 15.39 -36.18
N ALA D 153 -6.08 14.84 -37.38
CA ALA D 153 -4.95 15.02 -38.30
C ALA D 153 -4.55 16.48 -38.54
N GLU D 154 -5.54 17.35 -38.73
CA GLU D 154 -5.28 18.77 -38.95
C GLU D 154 -4.58 19.38 -37.75
N MET D 155 -4.99 18.97 -36.56
CA MET D 155 -4.37 19.46 -35.33
C MET D 155 -2.88 19.16 -35.29
N TYR D 156 -2.46 18.11 -35.98
CA TYR D 156 -1.05 17.73 -36.00
C TYR D 156 -0.32 18.13 -37.28
N THR D 157 -0.61 19.33 -37.77
CA THR D 157 0.12 19.92 -38.91
C THR D 157 1.02 21.05 -38.38
N LYS D 158 2.01 21.47 -39.17
CA LYS D 158 2.83 22.65 -38.82
C LYS D 158 1.98 23.76 -38.20
N THR D 159 0.82 24.00 -38.79
CA THR D 159 -0.07 25.08 -38.41
C THR D 159 -1.33 24.57 -37.71
N GLY D 160 -1.20 23.46 -36.99
CA GLY D 160 -2.30 22.93 -36.22
C GLY D 160 -2.06 23.24 -34.76
N VAL D 161 -3.11 23.16 -33.94
CA VAL D 161 -2.97 23.48 -32.52
C VAL D 161 -1.79 22.76 -31.86
N ASN D 162 -1.55 21.53 -32.26
CA ASN D 162 -0.49 20.75 -31.63
C ASN D 162 0.88 20.92 -32.26
N GLY D 163 0.93 21.10 -33.57
CA GLY D 163 2.19 21.16 -34.27
C GLY D 163 2.42 19.87 -35.02
N ASP D 164 3.46 19.84 -35.83
CA ASP D 164 3.78 18.68 -36.64
C ASP D 164 3.93 17.41 -35.77
N SER D 165 3.32 16.31 -36.21
CA SER D 165 3.49 15.02 -35.56
C SER D 165 4.97 14.58 -35.48
N ARG D 166 5.78 15.04 -36.43
CA ARG D 166 7.15 14.60 -36.47
C ARG D 166 7.84 15.05 -35.19
N TYR D 167 7.26 16.05 -34.55
CA TYR D 167 7.77 16.54 -33.26
C TYR D 167 7.64 15.51 -32.13
N PHE D 168 6.49 14.87 -31.99
CA PHE D 168 6.37 13.88 -30.90
C PHE D 168 6.96 12.53 -31.30
N LEU D 169 7.32 12.37 -32.56
CA LEU D 169 7.92 11.13 -33.02
C LEU D 169 9.44 11.10 -32.81
N TRP D 170 10.06 12.27 -32.77
CA TRP D 170 11.52 12.34 -32.66
C TRP D 170 12.10 11.55 -31.46
N PRO D 171 11.67 11.90 -30.23
CA PRO D 171 12.25 11.19 -29.08
C PRO D 171 12.07 9.69 -29.21
N LEU D 172 10.96 9.25 -29.81
CA LEU D 172 10.69 7.82 -29.89
C LEU D 172 11.45 7.15 -31.04
N GLN D 173 11.35 7.71 -32.23
CA GLN D 173 11.98 7.09 -33.38
C GLN D 173 13.50 7.29 -33.47
N HIS D 174 13.97 8.53 -33.36
CA HIS D 174 15.41 8.76 -33.34
C HIS D 174 15.95 8.44 -31.94
N GLY D 175 15.47 9.16 -30.95
CA GLY D 175 16.04 9.12 -29.61
C GLY D 175 16.15 7.76 -28.96
N THR D 176 15.17 6.90 -29.24
CA THR D 176 15.13 5.57 -28.63
C THR D 176 15.38 4.45 -29.63
N LEU D 177 14.51 4.34 -30.64
CA LEU D 177 14.61 3.22 -31.59
C LEU D 177 15.88 3.22 -32.46
N HIS D 178 16.18 4.35 -33.10
CA HIS D 178 17.39 4.45 -33.92
C HIS D 178 18.62 4.40 -33.01
N PHE D 179 18.49 4.92 -31.79
CA PHE D 179 19.60 4.86 -30.85
C PHE D 179 20.03 3.41 -30.64
N CYS D 180 19.05 2.50 -30.58
CA CYS D 180 19.33 1.09 -30.33
C CYS D 180 19.67 0.31 -31.60
N GLY D 181 19.64 0.99 -32.74
CA GLY D 181 20.05 0.36 -33.99
C GLY D 181 18.90 -0.22 -34.79
N PHE D 182 17.68 -0.13 -34.27
CA PHE D 182 16.51 -0.56 -35.02
C PHE D 182 16.45 0.17 -36.35
N LYS D 183 16.03 -0.52 -37.40
CA LYS D 183 15.55 0.18 -38.58
C LYS D 183 14.09 0.51 -38.31
N VAL D 184 13.73 1.77 -38.49
CA VAL D 184 12.39 2.24 -38.15
C VAL D 184 11.51 2.37 -39.40
N LEU D 185 10.37 1.70 -39.40
CA LEU D 185 9.40 1.80 -40.49
C LEU D 185 8.49 2.99 -40.20
N ALA D 186 7.83 3.53 -41.23
CA ALA D 186 6.97 4.70 -41.00
C ALA D 186 5.90 4.36 -39.96
N PRO D 187 5.61 5.32 -39.08
CA PRO D 187 4.69 4.99 -37.99
C PRO D 187 3.28 4.89 -38.56
N GLN D 188 2.46 4.04 -37.94
CA GLN D 188 1.04 3.98 -38.27
C GLN D 188 0.33 4.91 -37.31
N ILE D 189 -0.25 5.99 -37.82
CA ILE D 189 -0.94 6.93 -36.94
C ILE D 189 -2.44 6.94 -37.21
N SER D 190 -3.21 6.52 -36.22
CA SER D 190 -4.66 6.56 -36.33
C SER D 190 -5.21 7.74 -35.53
N PHE D 191 -5.47 8.82 -36.24
CA PHE D 191 -5.87 10.06 -35.61
C PHE D 191 -7.32 10.00 -35.10
N ALA D 192 -7.52 10.52 -33.89
CA ALA D 192 -8.83 10.74 -33.32
C ALA D 192 -9.89 9.67 -33.64
N PRO D 193 -9.63 8.40 -33.30
CA PRO D 193 -10.68 7.42 -33.53
C PRO D 193 -11.98 7.75 -32.78
N GLU D 194 -11.88 8.26 -31.56
CA GLU D 194 -13.04 8.54 -30.71
C GLU D 194 -14.06 9.48 -31.33
N ILE D 195 -13.64 10.33 -32.26
CA ILE D 195 -14.57 11.25 -32.90
C ILE D 195 -14.88 10.89 -34.34
N ALA D 196 -14.03 10.04 -34.91
CA ALA D 196 -14.24 9.50 -36.27
C ALA D 196 -15.56 8.76 -36.35
N SER D 197 -16.16 8.74 -37.54
CA SER D 197 -17.40 7.99 -37.73
C SER D 197 -17.07 6.51 -37.66
N GLU D 198 -18.09 5.67 -37.52
CA GLU D 198 -17.86 4.24 -37.45
C GLU D 198 -17.08 3.80 -38.68
N GLU D 199 -17.42 4.40 -39.81
CA GLU D 199 -16.83 3.97 -41.07
C GLU D 199 -15.39 4.43 -41.22
N GLU D 200 -15.08 5.61 -40.69
CA GLU D 200 -13.69 6.07 -40.71
C GLU D 200 -12.84 5.10 -39.90
N ARG D 201 -13.33 4.73 -38.72
CA ARG D 201 -12.58 3.85 -37.84
C ARG D 201 -12.36 2.49 -38.48
N LYS D 202 -13.39 2.01 -39.16
CA LYS D 202 -13.28 0.77 -39.91
C LYS D 202 -12.28 0.90 -41.05
N GLY D 203 -12.27 2.04 -41.72
CA GLY D 203 -11.28 2.26 -42.78
C GLY D 203 -9.86 2.30 -42.20
N MET D 204 -9.72 2.98 -41.06
CA MET D 204 -8.45 3.09 -40.38
C MET D 204 -7.89 1.72 -40.05
N VAL D 205 -8.77 0.84 -39.56
CA VAL D 205 -8.40 -0.53 -39.22
C VAL D 205 -8.00 -1.31 -40.47
N ALA D 206 -8.77 -1.12 -41.54
CA ALA D 206 -8.50 -1.86 -42.77
C ALA D 206 -7.18 -1.42 -43.39
N ALA D 207 -6.85 -0.14 -43.26
CA ALA D 207 -5.61 0.38 -43.79
C ALA D 207 -4.44 -0.32 -43.10
N TRP D 208 -4.56 -0.49 -41.80
CA TRP D 208 -3.55 -1.17 -40.99
C TRP D 208 -3.42 -2.63 -41.42
N SER D 209 -4.54 -3.33 -41.50
CA SER D 209 -4.54 -4.70 -41.96
C SER D 209 -3.85 -4.77 -43.33
N GLN D 210 -4.23 -3.86 -44.23
CA GLN D 210 -3.74 -3.88 -45.60
C GLN D 210 -2.23 -3.67 -45.64
N ARG D 211 -1.75 -2.69 -44.89
CA ARG D 211 -0.32 -2.40 -44.83
C ARG D 211 0.47 -3.59 -44.29
N LEU D 212 -0.08 -4.28 -43.30
CA LEU D 212 0.61 -5.43 -42.71
C LEU D 212 0.89 -6.52 -43.73
N GLN D 213 -0.01 -6.66 -44.71
CA GLN D 213 0.13 -7.67 -45.76
C GLN D 213 1.46 -7.59 -46.53
N THR D 214 2.05 -6.40 -46.60
CA THR D 214 3.32 -6.24 -47.31
C THR D 214 4.37 -5.60 -46.42
N ILE D 215 4.28 -5.83 -45.12
CA ILE D 215 5.15 -5.13 -44.19
C ILE D 215 6.65 -5.47 -44.37
N TRP D 216 6.96 -6.73 -44.69
CA TRP D 216 8.37 -7.13 -44.82
C TRP D 216 8.99 -6.62 -46.11
N LYS D 217 8.18 -6.03 -46.98
CA LYS D 217 8.68 -5.43 -48.21
C LYS D 217 9.05 -3.95 -48.00
N GLU D 218 8.72 -3.42 -46.84
CA GLU D 218 8.88 -1.98 -46.61
C GLU D 218 10.32 -1.55 -46.38
N GLU D 219 10.67 -0.40 -46.96
CA GLU D 219 11.95 0.24 -46.69
C GLU D 219 11.80 1.04 -45.42
N PRO D 220 12.88 1.12 -44.61
CA PRO D 220 12.77 1.95 -43.41
C PRO D 220 12.81 3.41 -43.79
N ILE D 221 12.25 4.27 -42.95
CA ILE D 221 12.36 5.70 -43.12
C ILE D 221 13.80 6.15 -42.81
N PRO D 222 14.26 7.25 -43.42
CA PRO D 222 15.60 7.75 -43.11
C PRO D 222 15.59 8.51 -41.79
N CYS D 223 16.38 8.05 -40.80
CA CYS D 223 16.29 8.64 -39.46
C CYS D 223 17.30 9.79 -39.25
N THR D 224 16.91 10.95 -39.76
CA THR D 224 17.77 12.12 -39.75
C THR D 224 17.06 13.35 -39.19
N ALA D 225 17.84 14.28 -38.65
CA ALA D 225 17.29 15.52 -38.11
C ALA D 225 16.66 16.38 -39.21
N HIS D 226 16.53 15.80 -40.40
CA HIS D 226 15.93 16.46 -41.54
C HIS D 226 14.57 15.85 -41.87
N TRP D 227 14.22 14.77 -41.17
CA TRP D 227 12.95 14.09 -41.40
C TRP D 227 11.87 14.46 -40.39
N HIS D 228 12.30 14.90 -39.20
CA HIS D 228 11.35 15.23 -38.15
C HIS D 228 11.00 16.73 -38.10
N PHE D 229 11.91 17.59 -38.56
CA PHE D 229 11.71 19.03 -38.46
C PHE D 229 12.07 19.82 -39.73
N GLY D 230 12.70 19.14 -40.69
CA GLY D 230 13.13 19.79 -41.91
C GLY D 230 12.67 19.08 -43.18
#